data_6TOR
#
_entry.id   6TOR
#
_cell.length_a   137.998
_cell.length_b   137.998
_cell.length_c   121.870
_cell.angle_alpha   90.000
_cell.angle_beta   90.000
_cell.angle_gamma   120.000
#
_symmetry.space_group_name_H-M   'H 3'
#
loop_
_entity.id
_entity.type
_entity.pdbx_description
1 polymer 'Ethanolamine-phosphate phospho-lyase'
2 non-polymer GLYCEROL
3 non-polymer "4'-DEOXY-4'-AMINOPYRIDOXAL-5'-PHOSPHATE"
4 water water
#
_entity_poly.entity_id   1
_entity_poly.type   'polypeptide(L)'
_entity_poly.pdbx_seq_one_letter_code
;MCELYSKRDTLGLRKKHIGPSCKVFFASDPIKIVRAQRQYMFDENGEQYLDCINNVAHVGHCHPGVVKAALKQMELLNTN
SRFLHDNIVEYAKRLSATLPEKLSVCYFTNSGSEANDLALRLARQFRGHQDVITLDHAYHGHLSSLIEISPYKFQKGKDV
KKEFVHVAPTPDTYRGKYREDHADSASAYADEVKKIIEDAHNSGRKIAAFIAESMQSCGGQIIPPAGYFQKVAEYVHGAG
GVFIADEVQVGFGRVGKHFWSFQMYGEDFVPDIVTMGKPMGNGHPVACVVTTKEIAEAFSSSGMEYFNTYGGNPVSCAVG
LAVLDIIENEDLQGNAKRVGNYLTELLKKQKAKHTLIGDIRGIGLFIGIDLVKDHLKRTPATAEAQHIIYKMKEKRVLLS
ADGPHRNVLKIKPPMCFTEEDAKFMVDQLDRILTVLEEAMGTKTESVTSENTPCKTKMLKEAHIELLRDSTTDSKENPSR
KRNGMCTDTHSLLSKRLKT
;
_entity_poly.pdbx_strand_id   A,B
#
# COMPACT_ATOMS: atom_id res chain seq x y z
N ILE A 31 -8.63 22.41 -11.20
CA ILE A 31 -9.27 23.77 -11.05
C ILE A 31 -10.38 23.88 -12.08
N LYS A 32 -11.55 23.30 -11.78
CA LYS A 32 -11.81 22.43 -10.64
C LYS A 32 -12.61 21.23 -11.16
N ILE A 33 -11.98 20.06 -11.23
CA ILE A 33 -12.55 18.84 -11.88
C ILE A 33 -13.40 18.12 -10.85
N VAL A 34 -14.65 17.80 -11.20
CA VAL A 34 -15.61 17.13 -10.27
C VAL A 34 -16.19 15.87 -10.92
N ARG A 35 -15.95 15.66 -12.20
CA ARG A 35 -16.59 14.55 -12.93
C ARG A 35 -15.61 14.14 -14.05
N ALA A 36 -15.65 12.88 -14.44
CA ALA A 36 -14.82 12.35 -15.54
C ALA A 36 -15.56 11.17 -16.15
N GLN A 37 -15.43 10.98 -17.45
CA GLN A 37 -16.05 9.83 -18.14
C GLN A 37 -15.16 9.54 -19.34
N ARG A 38 -14.76 8.28 -19.48
CA ARG A 38 -13.90 7.77 -20.56
C ARG A 38 -12.61 8.60 -20.54
N GLN A 39 -12.26 9.25 -21.66
CA GLN A 39 -10.99 9.99 -21.84
C GLN A 39 -11.19 11.46 -21.50
N TYR A 40 -12.33 11.83 -20.90
CA TYR A 40 -12.69 13.26 -20.64
C TYR A 40 -12.86 13.52 -19.14
N MET A 41 -12.54 14.73 -18.73
CA MET A 41 -12.85 15.29 -17.38
C MET A 41 -13.67 16.57 -17.57
N PHE A 42 -14.45 16.92 -16.56
CA PHE A 42 -15.43 18.02 -16.62
C PHE A 42 -15.27 18.87 -15.37
N ASP A 43 -15.21 20.19 -15.48
CA ASP A 43 -15.20 21.08 -14.29
C ASP A 43 -16.63 21.28 -13.78
N GLU A 44 -16.83 22.08 -12.72
CA GLU A 44 -18.17 22.26 -12.10
C GLU A 44 -19.11 23.02 -13.05
N ASN A 45 -18.60 23.65 -14.11
CA ASN A 45 -19.45 24.24 -15.18
C ASN A 45 -19.78 23.23 -16.28
N GLY A 46 -19.31 21.97 -16.19
CA GLY A 46 -19.55 20.98 -17.25
C GLY A 46 -18.66 21.19 -18.47
N GLU A 47 -17.65 22.05 -18.38
CA GLU A 47 -16.65 22.24 -19.46
C GLU A 47 -15.83 20.95 -19.61
N GLN A 48 -15.59 20.54 -20.85
CA GLN A 48 -14.94 19.25 -21.19
C GLN A 48 -13.43 19.43 -21.40
N TYR A 49 -12.67 18.52 -20.79
CA TYR A 49 -11.20 18.46 -20.88
C TYR A 49 -10.75 17.11 -21.43
N LEU A 50 -9.78 17.19 -22.32
CA LEU A 50 -9.11 16.00 -22.87
C LEU A 50 -8.01 15.58 -21.90
N ASP A 51 -8.14 14.37 -21.34
CA ASP A 51 -7.22 13.78 -20.35
C ASP A 51 -6.08 13.04 -21.08
N CYS A 52 -4.87 13.59 -21.10
CA CYS A 52 -3.69 12.88 -21.67
C CYS A 52 -2.79 12.36 -20.54
N ILE A 53 -3.23 12.48 -19.28
CA ILE A 53 -2.39 12.36 -18.05
C ILE A 53 -2.68 11.04 -17.33
N ASN A 54 -3.97 10.76 -17.05
CA ASN A 54 -4.39 9.78 -16.03
C ASN A 54 -4.45 8.38 -16.66
N ASN A 55 -3.29 7.79 -16.93
CA ASN A 55 -3.19 6.43 -17.53
C ASN A 55 -3.79 5.43 -16.53
N VAL A 56 -3.88 5.80 -15.26
CA VAL A 56 -4.44 4.96 -14.17
C VAL A 56 -5.93 4.69 -14.46
N ALA A 57 -6.67 5.64 -15.00
CA ALA A 57 -8.04 5.40 -15.52
C ALA A 57 -7.89 4.70 -16.86
N HIS A 58 -7.29 3.52 -16.84
CA HIS A 58 -6.73 2.82 -18.02
C HIS A 58 -7.79 2.56 -19.09
N VAL A 59 -8.98 2.11 -18.70
CA VAL A 59 -10.10 1.74 -19.63
C VAL A 59 -11.11 2.88 -19.71
N GLY A 60 -10.79 4.02 -19.11
CA GLY A 60 -11.68 5.20 -19.15
C GLY A 60 -12.26 5.47 -17.79
N HIS A 61 -12.33 6.73 -17.41
CA HIS A 61 -12.88 7.14 -16.11
C HIS A 61 -14.31 6.61 -15.94
N CYS A 62 -14.62 6.14 -14.74
CA CYS A 62 -15.98 5.72 -14.31
C CYS A 62 -16.63 4.82 -15.35
N HIS A 63 -15.84 3.92 -15.94
CA HIS A 63 -16.35 2.87 -16.82
C HIS A 63 -17.47 2.09 -16.10
N PRO A 64 -18.72 2.11 -16.64
CA PRO A 64 -19.87 1.41 -16.07
C PRO A 64 -19.65 -0.07 -15.76
N GLY A 65 -18.89 -0.76 -16.59
CA GLY A 65 -18.65 -2.21 -16.46
C GLY A 65 -17.73 -2.51 -15.28
N VAL A 66 -16.83 -1.57 -14.96
CA VAL A 66 -15.93 -1.66 -13.76
C VAL A 66 -16.78 -1.34 -12.52
N VAL A 67 -17.57 -0.27 -12.58
CA VAL A 67 -18.46 0.13 -11.45
C VAL A 67 -19.43 -1.03 -11.15
N LYS A 68 -20.02 -1.61 -12.19
CA LYS A 68 -21.03 -2.68 -12.02
C LYS A 68 -20.38 -3.87 -11.29
N ALA A 69 -19.19 -4.26 -11.73
CA ALA A 69 -18.42 -5.40 -11.19
C ALA A 69 -18.05 -5.10 -9.75
N ALA A 70 -17.74 -3.86 -9.41
CA ALA A 70 -17.33 -3.52 -8.04
C ALA A 70 -18.58 -3.59 -7.16
N LEU A 71 -19.68 -3.01 -7.62
CA LEU A 71 -20.96 -2.93 -6.87
C LEU A 71 -21.42 -4.36 -6.57
N LYS A 72 -21.43 -5.24 -7.56
CA LYS A 72 -21.96 -6.60 -7.35
C LYS A 72 -21.14 -7.28 -6.25
N GLN A 73 -19.81 -7.24 -6.35
CA GLN A 73 -18.96 -7.91 -5.35
C GLN A 73 -19.07 -7.19 -3.99
N MET A 74 -19.23 -5.87 -3.95
CA MET A 74 -19.23 -5.13 -2.65
C MET A 74 -20.51 -5.44 -1.86
N GLU A 75 -21.57 -5.87 -2.54
CA GLU A 75 -22.85 -6.19 -1.85
C GLU A 75 -22.81 -7.61 -1.28
N LEU A 76 -21.81 -8.40 -1.66
CA LEU A 76 -21.64 -9.83 -1.29
C LEU A 76 -20.54 -9.99 -0.23
N LEU A 77 -19.29 -9.65 -0.57
CA LEU A 77 -18.12 -10.01 0.27
C LEU A 77 -16.92 -9.15 -0.08
N ASN A 78 -16.31 -8.50 0.92
CA ASN A 78 -15.08 -7.71 0.75
C ASN A 78 -13.94 -8.31 1.61
N THR A 79 -14.02 -9.57 2.00
CA THR A 79 -13.10 -10.20 2.98
C THR A 79 -12.19 -11.21 2.28
N ASN A 80 -10.89 -11.05 2.56
CA ASN A 80 -9.71 -11.73 1.96
C ASN A 80 -9.88 -13.26 2.05
N SER A 81 -9.28 -13.94 1.06
CA SER A 81 -9.31 -15.40 0.84
C SER A 81 -8.53 -16.19 1.91
N ARG A 82 -9.06 -16.26 3.14
CA ARG A 82 -8.87 -17.43 4.01
C ARG A 82 -9.82 -18.52 3.49
N PHE A 83 -10.75 -18.12 2.61
CA PHE A 83 -11.71 -18.98 1.88
C PHE A 83 -11.51 -18.78 0.37
N LEU A 84 -10.49 -19.45 -0.21
CA LEU A 84 -9.85 -19.07 -1.50
C LEU A 84 -10.93 -18.82 -2.56
N HIS A 85 -11.25 -17.54 -2.74
CA HIS A 85 -12.45 -17.00 -3.43
C HIS A 85 -12.33 -17.23 -4.95
N ASP A 86 -13.44 -17.57 -5.59
CA ASP A 86 -13.52 -17.82 -7.06
C ASP A 86 -12.95 -16.64 -7.83
N ASN A 87 -13.22 -15.40 -7.42
CA ASN A 87 -12.72 -14.17 -8.09
C ASN A 87 -11.20 -14.18 -8.14
N ILE A 88 -10.59 -14.47 -7.01
CA ILE A 88 -9.11 -14.44 -6.86
C ILE A 88 -8.51 -15.53 -7.74
N VAL A 89 -9.07 -16.73 -7.70
CA VAL A 89 -8.52 -17.89 -8.48
C VAL A 89 -8.62 -17.55 -9.97
N GLU A 90 -9.78 -17.09 -10.40
CA GLU A 90 -10.06 -16.77 -11.83
C GLU A 90 -9.17 -15.60 -12.27
N TYR A 91 -9.06 -14.54 -11.46
CA TYR A 91 -8.23 -13.38 -11.85
C TYR A 91 -6.78 -13.84 -12.05
N ALA A 92 -6.20 -14.55 -11.08
CA ALA A 92 -4.77 -14.96 -11.15
C ALA A 92 -4.55 -15.83 -12.40
N LYS A 93 -5.51 -16.69 -12.77
CA LYS A 93 -5.43 -17.56 -13.97
C LYS A 93 -5.43 -16.71 -15.25
N ARG A 94 -6.29 -15.69 -15.30
CA ARG A 94 -6.44 -14.77 -16.44
C ARG A 94 -5.15 -13.92 -16.61
N LEU A 95 -4.55 -13.47 -15.51
CA LEU A 95 -3.31 -12.64 -15.58
C LEU A 95 -2.17 -13.50 -16.09
N SER A 96 -2.04 -14.68 -15.47
CA SER A 96 -0.98 -15.67 -15.77
C SER A 96 -1.08 -16.05 -17.25
N ALA A 97 -2.29 -16.17 -17.79
CA ALA A 97 -2.53 -16.52 -19.20
C ALA A 97 -1.96 -15.42 -20.10
N THR A 98 -1.84 -14.17 -19.65
CA THR A 98 -1.31 -13.10 -20.55
C THR A 98 0.22 -13.09 -20.52
N LEU A 99 0.86 -13.91 -19.67
CA LEU A 99 2.33 -13.83 -19.44
C LEU A 99 3.02 -15.05 -20.02
N PRO A 100 4.32 -14.99 -20.31
CA PRO A 100 5.14 -16.18 -20.54
C PRO A 100 4.92 -17.31 -19.54
N GLU A 101 5.24 -18.53 -19.98
CA GLU A 101 5.00 -19.80 -19.23
C GLU A 101 5.51 -19.68 -17.79
N LYS A 102 6.78 -19.35 -17.58
CA LYS A 102 7.43 -19.44 -16.24
C LYS A 102 6.83 -18.43 -15.24
N LEU A 103 6.11 -17.39 -15.68
CA LEU A 103 5.55 -16.38 -14.73
C LEU A 103 4.11 -16.77 -14.35
N SER A 104 3.96 -17.47 -13.24
CA SER A 104 2.69 -18.19 -12.96
C SER A 104 2.23 -17.99 -11.52
N VAL A 105 2.98 -17.31 -10.66
CA VAL A 105 2.58 -17.14 -9.22
C VAL A 105 2.31 -15.65 -8.95
N CYS A 106 1.06 -15.33 -8.58
CA CYS A 106 0.52 -13.96 -8.33
C CYS A 106 0.44 -13.66 -6.83
N TYR A 107 1.04 -12.55 -6.44
CA TYR A 107 0.86 -11.93 -5.12
C TYR A 107 0.09 -10.64 -5.29
N PHE A 108 -1.01 -10.45 -4.57
CA PHE A 108 -1.86 -9.25 -4.70
C PHE A 108 -1.48 -8.25 -3.62
N THR A 109 -1.38 -6.97 -3.97
CA THR A 109 -1.09 -5.85 -3.03
C THR A 109 -2.09 -4.73 -3.28
N ASN A 110 -1.95 -3.59 -2.57
CA ASN A 110 -2.88 -2.45 -2.61
C ASN A 110 -2.38 -1.32 -3.52
N SER A 111 -1.13 -1.35 -3.98
CA SER A 111 -0.52 -0.27 -4.78
C SER A 111 0.69 -0.79 -5.56
N GLY A 112 1.03 -0.05 -6.61
CA GLY A 112 2.26 -0.24 -7.41
C GLY A 112 3.46 -0.23 -6.49
N SER A 113 3.49 0.69 -5.51
CA SER A 113 4.57 0.79 -4.52
C SER A 113 4.67 -0.51 -3.69
N GLU A 114 3.54 -0.97 -3.17
CA GLU A 114 3.55 -2.23 -2.40
C GLU A 114 4.05 -3.37 -3.29
N ALA A 115 3.60 -3.44 -4.54
CA ALA A 115 4.05 -4.48 -5.49
C ALA A 115 5.59 -4.41 -5.63
N ASN A 116 6.16 -3.23 -5.82
CA ASN A 116 7.63 -3.05 -6.00
C ASN A 116 8.38 -3.44 -4.70
N ASP A 117 7.87 -3.06 -3.54
CA ASP A 117 8.45 -3.43 -2.24
C ASP A 117 8.48 -4.96 -2.15
N LEU A 118 7.38 -5.63 -2.51
CA LEU A 118 7.32 -7.11 -2.43
C LEU A 118 8.34 -7.68 -3.44
N ALA A 119 8.46 -7.09 -4.62
CA ALA A 119 9.39 -7.61 -5.67
C ALA A 119 10.83 -7.59 -5.11
N LEU A 120 11.20 -6.54 -4.40
CA LEU A 120 12.56 -6.46 -3.80
C LEU A 120 12.72 -7.56 -2.75
N ARG A 121 11.71 -7.83 -1.93
CA ARG A 121 11.79 -8.87 -0.88
C ARG A 121 11.86 -10.24 -1.54
N LEU A 122 11.08 -10.49 -2.60
CA LEU A 122 11.14 -11.78 -3.33
C LEU A 122 12.57 -11.99 -3.86
N ALA A 123 13.13 -10.98 -4.53
CA ALA A 123 14.51 -11.03 -5.06
C ALA A 123 15.53 -11.28 -3.94
N ARG A 124 15.50 -10.52 -2.85
CA ARG A 124 16.53 -10.63 -1.79
C ARG A 124 16.39 -11.96 -1.03
N GLN A 125 15.18 -12.50 -0.88
CA GLN A 125 14.93 -13.76 -0.15
C GLN A 125 15.35 -14.97 -1.01
N PHE A 126 15.32 -14.81 -2.34
CA PHE A 126 15.53 -15.91 -3.29
C PHE A 126 16.87 -16.60 -2.97
N ARG A 127 17.99 -15.88 -2.91
CA ARG A 127 19.33 -16.47 -2.58
C ARG A 127 19.99 -15.78 -1.39
N GLY A 128 19.35 -14.78 -0.77
CA GLY A 128 19.96 -14.03 0.35
C GLY A 128 20.90 -12.95 -0.15
N HIS A 129 20.92 -12.67 -1.44
CA HIS A 129 21.69 -11.50 -1.99
C HIS A 129 20.92 -10.24 -1.62
N GLN A 130 21.65 -9.17 -1.34
CA GLN A 130 21.05 -7.90 -0.86
C GLN A 130 21.06 -6.81 -1.93
N ASP A 131 22.00 -6.80 -2.90
CA ASP A 131 22.20 -5.57 -3.72
C ASP A 131 21.19 -5.51 -4.86
N VAL A 132 20.72 -4.30 -5.16
CA VAL A 132 19.78 -4.02 -6.26
C VAL A 132 20.44 -3.02 -7.18
N ILE A 133 20.42 -3.34 -8.47
CA ILE A 133 20.86 -2.43 -9.56
C ILE A 133 19.60 -1.77 -10.13
N THR A 134 19.63 -0.45 -10.18
CA THR A 134 18.53 0.35 -10.69
C THR A 134 19.10 1.26 -11.76
N LEU A 135 18.20 1.89 -12.51
CA LEU A 135 18.56 2.81 -13.61
C LEU A 135 18.58 4.22 -13.09
N ASP A 136 19.48 5.04 -13.65
CA ASP A 136 19.47 6.49 -13.42
C ASP A 136 18.08 7.00 -13.79
N HIS A 137 17.60 7.93 -12.99
CA HIS A 137 16.31 8.63 -13.19
C HIS A 137 15.12 7.71 -13.00
N ALA A 138 15.33 6.50 -12.45
CA ALA A 138 14.23 5.55 -12.20
C ALA A 138 13.36 6.12 -11.08
N TYR A 139 12.08 5.83 -11.20
CA TYR A 139 11.10 6.03 -10.13
C TYR A 139 10.24 4.77 -9.99
N HIS A 140 10.30 4.14 -8.82
CA HIS A 140 9.59 2.87 -8.52
C HIS A 140 8.53 3.05 -7.43
N GLY A 141 8.44 4.22 -6.77
CA GLY A 141 7.41 4.47 -5.76
C GLY A 141 7.95 5.20 -4.55
N HIS A 142 7.08 5.42 -3.55
CA HIS A 142 7.24 6.46 -2.51
C HIS A 142 7.50 5.85 -1.12
N LEU A 143 7.53 4.52 -1.04
CA LEU A 143 7.82 3.81 0.23
C LEU A 143 9.34 3.86 0.49
N SER A 144 9.75 3.68 1.74
CA SER A 144 11.16 3.67 2.23
C SER A 144 12.05 2.86 1.32
N SER A 145 11.66 1.62 1.06
CA SER A 145 12.48 0.63 0.34
C SER A 145 12.66 1.11 -1.11
N LEU A 146 11.77 1.95 -1.62
CA LEU A 146 11.71 2.32 -3.05
C LEU A 146 12.43 3.65 -3.29
N ILE A 147 12.52 4.51 -2.27
CA ILE A 147 13.28 5.79 -2.33
C ILE A 147 14.71 5.41 -2.66
N GLU A 148 15.19 4.36 -2.00
CA GLU A 148 16.59 3.87 -2.09
C GLU A 148 16.93 3.48 -3.53
N ILE A 149 15.95 3.04 -4.34
CA ILE A 149 16.19 2.51 -5.72
C ILE A 149 15.56 3.43 -6.76
N SER A 150 15.21 4.65 -6.38
CA SER A 150 14.50 5.61 -7.26
C SER A 150 15.33 6.86 -7.40
N PRO A 151 16.42 6.84 -8.21
CA PRO A 151 17.34 7.97 -8.34
C PRO A 151 16.67 9.24 -8.87
N TYR A 152 15.53 9.15 -9.57
CA TYR A 152 14.70 10.35 -9.86
C TYR A 152 14.43 11.18 -8.58
N LYS A 153 14.37 10.58 -7.39
CA LYS A 153 13.99 11.31 -6.14
C LYS A 153 15.23 11.65 -5.28
N PHE A 154 16.44 11.14 -5.55
CA PHE A 154 17.68 11.53 -4.82
C PHE A 154 17.93 13.05 -4.98
N GLN A 155 18.06 13.78 -3.87
CA GLN A 155 18.21 15.27 -3.87
C GLN A 155 19.54 15.66 -4.55
N LYS A 161 23.52 7.63 -1.71
CA LYS A 161 22.86 6.32 -2.01
C LYS A 161 23.44 5.25 -1.08
N LYS A 162 22.59 4.31 -0.66
CA LYS A 162 22.94 3.12 0.15
C LYS A 162 24.00 2.30 -0.57
N GLU A 163 24.86 1.63 0.19
CA GLU A 163 25.92 0.72 -0.29
C GLU A 163 25.31 -0.46 -1.07
N PHE A 164 24.08 -0.86 -0.76
CA PHE A 164 23.43 -2.03 -1.43
C PHE A 164 22.62 -1.59 -2.67
N VAL A 165 22.74 -0.34 -3.14
CA VAL A 165 22.07 0.13 -4.39
C VAL A 165 23.11 0.62 -5.39
N HIS A 166 23.08 0.12 -6.61
CA HIS A 166 23.99 0.55 -7.71
C HIS A 166 23.12 1.15 -8.82
N VAL A 167 23.56 2.27 -9.36
CA VAL A 167 22.76 3.06 -10.34
C VAL A 167 23.45 2.90 -11.70
N ALA A 168 22.81 2.24 -12.66
CA ALA A 168 23.34 2.05 -14.02
C ALA A 168 22.93 3.24 -14.88
N PRO A 169 23.76 3.67 -15.85
CA PRO A 169 23.37 4.72 -16.78
C PRO A 169 22.09 4.32 -17.51
N THR A 170 21.14 5.24 -17.56
CA THR A 170 19.83 4.97 -18.20
C THR A 170 20.08 4.85 -19.71
N PRO A 171 19.49 3.80 -20.33
CA PRO A 171 19.71 3.50 -21.75
C PRO A 171 18.91 4.41 -22.68
N ASP A 172 19.22 5.69 -22.57
CA ASP A 172 18.58 6.86 -23.22
C ASP A 172 19.46 7.27 -24.41
N THR A 173 19.08 6.92 -25.63
CA THR A 173 19.90 7.24 -26.82
C THR A 173 19.72 8.70 -27.28
N TYR A 174 18.90 9.51 -26.61
CA TYR A 174 18.74 10.94 -26.99
C TYR A 174 19.62 11.81 -26.10
N ARG A 175 19.59 11.62 -24.77
CA ARG A 175 20.39 12.48 -23.87
C ARG A 175 21.30 11.63 -22.94
N GLY A 176 21.33 10.33 -23.06
CA GLY A 176 22.17 9.52 -22.15
C GLY A 176 23.64 9.52 -22.56
N LYS A 177 24.40 8.63 -21.93
CA LYS A 177 25.86 8.49 -22.12
C LYS A 177 26.18 8.03 -23.56
N TYR A 178 25.39 7.13 -24.14
CA TYR A 178 25.57 6.56 -25.49
C TYR A 178 24.37 6.96 -26.33
N ARG A 179 24.59 7.65 -27.44
CA ARG A 179 23.47 8.23 -28.22
C ARG A 179 23.31 7.46 -29.53
N GLU A 180 22.39 7.93 -30.39
CA GLU A 180 21.91 7.17 -31.57
C GLU A 180 23.07 6.97 -32.57
N ASP A 181 24.16 7.72 -32.42
CA ASP A 181 25.32 7.65 -33.34
C ASP A 181 26.29 6.56 -32.87
N HIS A 182 26.12 5.99 -31.69
CA HIS A 182 26.99 4.88 -31.17
C HIS A 182 26.76 3.61 -32.01
N ALA A 183 27.81 2.82 -32.27
CA ALA A 183 27.71 1.58 -33.10
C ALA A 183 26.75 0.56 -32.45
N ASP A 184 26.74 0.46 -31.13
CA ASP A 184 25.94 -0.59 -30.45
C ASP A 184 25.65 -0.15 -29.01
N SER A 185 24.67 0.73 -28.87
CA SER A 185 24.31 1.37 -27.59
C SER A 185 23.74 0.31 -26.65
N ALA A 186 23.03 -0.71 -27.16
CA ALA A 186 22.44 -1.78 -26.35
C ALA A 186 23.57 -2.53 -25.61
N SER A 187 24.69 -2.85 -26.28
CA SER A 187 25.87 -3.51 -25.66
C SER A 187 26.59 -2.54 -24.73
N ALA A 188 26.77 -1.28 -25.13
CA ALA A 188 27.52 -0.31 -24.32
C ALA A 188 26.73 -0.07 -23.01
N TYR A 189 25.41 0.02 -23.05
CA TYR A 189 24.58 0.22 -21.84
C TYR A 189 24.60 -1.06 -20.98
N ALA A 190 24.41 -2.26 -21.57
CA ALA A 190 24.46 -3.56 -20.87
C ALA A 190 25.84 -3.75 -20.23
N ASP A 191 26.91 -3.31 -20.89
CA ASP A 191 28.30 -3.47 -20.37
C ASP A 191 28.46 -2.66 -19.07
N GLU A 192 27.71 -1.56 -18.94
CA GLU A 192 27.71 -0.76 -17.68
C GLU A 192 27.20 -1.63 -16.51
N VAL A 193 26.20 -2.44 -16.76
CA VAL A 193 25.62 -3.34 -15.72
C VAL A 193 26.64 -4.45 -15.40
N LYS A 194 27.27 -5.05 -16.41
CA LYS A 194 28.33 -6.07 -16.23
C LYS A 194 29.41 -5.47 -15.32
N LYS A 195 29.79 -4.23 -15.55
CA LYS A 195 30.89 -3.60 -14.77
C LYS A 195 30.42 -3.45 -13.31
N ILE A 196 29.17 -3.09 -13.09
CA ILE A 196 28.61 -2.93 -11.72
C ILE A 196 28.70 -4.30 -11.03
N ILE A 197 28.29 -5.34 -11.74
CA ILE A 197 28.30 -6.75 -11.24
C ILE A 197 29.76 -7.11 -10.87
N GLU A 198 30.71 -6.99 -11.79
CA GLU A 198 32.16 -7.24 -11.54
C GLU A 198 32.67 -6.44 -10.32
N ASP A 199 32.41 -5.14 -10.24
CA ASP A 199 32.93 -4.31 -9.12
C ASP A 199 32.33 -4.81 -7.79
N ALA A 200 31.04 -5.15 -7.78
CA ALA A 200 30.32 -5.64 -6.59
C ALA A 200 30.96 -6.96 -6.16
N HIS A 201 31.16 -7.90 -7.09
CA HIS A 201 31.74 -9.24 -6.80
C HIS A 201 33.16 -9.10 -6.23
N ASN A 202 33.94 -8.20 -6.80
CA ASN A 202 35.34 -7.90 -6.42
C ASN A 202 35.40 -7.38 -4.99
N SER A 203 34.32 -6.75 -4.52
CA SER A 203 34.17 -6.19 -3.15
C SER A 203 33.50 -7.22 -2.22
N GLY A 204 33.21 -8.40 -2.74
CA GLY A 204 32.56 -9.49 -1.99
C GLY A 204 31.10 -9.21 -1.76
N ARG A 205 30.43 -8.46 -2.63
CA ARG A 205 28.97 -8.14 -2.50
C ARG A 205 28.23 -9.10 -3.41
N LYS A 206 26.91 -9.19 -3.26
CA LYS A 206 26.07 -10.08 -4.11
C LYS A 206 24.83 -9.31 -4.58
N ILE A 207 24.43 -9.58 -5.81
CA ILE A 207 23.31 -8.92 -6.55
C ILE A 207 22.02 -9.75 -6.41
N ALA A 208 21.03 -9.22 -5.70
CA ALA A 208 19.67 -9.80 -5.69
C ALA A 208 18.99 -9.61 -7.05
N ALA A 209 19.06 -8.38 -7.60
CA ALA A 209 18.18 -8.02 -8.71
C ALA A 209 18.70 -6.82 -9.47
N PHE A 210 18.29 -6.77 -10.74
CA PHE A 210 18.29 -5.59 -11.60
C PHE A 210 16.81 -5.22 -11.80
N ILE A 211 16.43 -3.98 -11.50
CA ILE A 211 15.00 -3.58 -11.68
C ILE A 211 14.95 -2.47 -12.72
N ALA A 212 14.02 -2.56 -13.67
CA ALA A 212 13.82 -1.45 -14.63
C ALA A 212 12.35 -1.29 -14.93
N GLU A 213 11.90 -0.04 -14.97
CA GLU A 213 10.65 0.29 -15.69
C GLU A 213 10.83 -0.18 -17.14
N SER A 214 9.91 -0.99 -17.65
CA SER A 214 9.98 -1.52 -19.03
C SER A 214 10.15 -0.35 -20.01
N MET A 215 9.49 0.79 -19.75
CA MET A 215 9.81 2.13 -20.30
C MET A 215 9.78 3.13 -19.14
N GLN A 216 10.76 4.03 -19.06
CA GLN A 216 10.79 4.97 -17.91
C GLN A 216 9.72 6.05 -18.11
N SER A 217 8.90 6.27 -17.09
CA SER A 217 7.89 7.35 -17.11
C SER A 217 8.58 8.65 -16.69
N CYS A 218 8.86 8.81 -15.40
CA CYS A 218 9.45 10.03 -14.81
C CYS A 218 10.72 10.40 -15.56
N GLY A 219 11.49 9.37 -15.99
CA GLY A 219 12.76 9.51 -16.71
C GLY A 219 12.61 10.12 -18.07
N GLY A 220 11.37 10.26 -18.53
CA GLY A 220 11.01 11.05 -19.73
C GLY A 220 10.66 10.18 -20.94
N GLN A 221 9.92 9.09 -20.73
CA GLN A 221 9.41 8.22 -21.83
C GLN A 221 10.61 7.57 -22.54
N ILE A 222 11.39 6.81 -21.79
CA ILE A 222 12.62 6.18 -22.32
C ILE A 222 12.28 4.72 -22.66
N ILE A 223 12.54 4.38 -23.94
CA ILE A 223 12.41 3.01 -24.51
C ILE A 223 13.83 2.49 -24.72
N PRO A 224 14.29 1.52 -23.92
CA PRO A 224 15.65 1.02 -24.09
C PRO A 224 15.84 0.44 -25.47
N PRO A 225 17.06 0.49 -26.02
CA PRO A 225 17.36 -0.17 -27.29
C PRO A 225 17.05 -1.68 -27.32
N ALA A 226 16.71 -2.18 -28.50
CA ALA A 226 16.55 -3.63 -28.77
C ALA A 226 17.77 -4.36 -28.24
N GLY A 227 17.55 -5.44 -27.50
CA GLY A 227 18.66 -6.28 -27.02
C GLY A 227 19.18 -5.89 -25.63
N TYR A 228 18.91 -4.66 -25.14
CA TYR A 228 19.52 -4.15 -23.88
C TYR A 228 19.05 -5.00 -22.69
N PHE A 229 17.77 -5.21 -22.52
CA PHE A 229 17.25 -5.93 -21.33
C PHE A 229 17.72 -7.39 -21.35
N GLN A 230 17.72 -8.00 -22.54
CA GLN A 230 18.08 -9.43 -22.72
C GLN A 230 19.55 -9.60 -22.29
N LYS A 231 20.43 -8.71 -22.70
CA LYS A 231 21.87 -8.78 -22.31
C LYS A 231 22.00 -8.56 -20.80
N VAL A 232 21.30 -7.57 -20.26
CA VAL A 232 21.32 -7.27 -18.80
C VAL A 232 20.86 -8.50 -18.03
N ALA A 233 19.78 -9.14 -18.46
CA ALA A 233 19.25 -10.34 -17.80
C ALA A 233 20.29 -11.47 -17.81
N GLU A 234 21.01 -11.66 -18.92
CA GLU A 234 22.07 -12.71 -18.99
C GLU A 234 23.11 -12.41 -17.91
N TYR A 235 23.60 -11.17 -17.82
CA TYR A 235 24.66 -10.77 -16.87
C TYR A 235 24.17 -10.94 -15.41
N VAL A 236 22.92 -10.52 -15.16
CA VAL A 236 22.33 -10.58 -13.79
C VAL A 236 22.18 -12.05 -13.44
N HIS A 237 21.64 -12.85 -14.36
CA HIS A 237 21.50 -14.31 -14.17
C HIS A 237 22.85 -14.97 -13.86
N GLY A 238 23.94 -14.56 -14.48
CA GLY A 238 25.31 -15.03 -14.17
C GLY A 238 25.73 -14.70 -12.76
N ALA A 239 25.24 -13.61 -12.17
CA ALA A 239 25.56 -13.22 -10.77
C ALA A 239 24.59 -13.88 -9.75
N GLY A 240 23.63 -14.68 -10.21
CA GLY A 240 22.61 -15.31 -9.35
C GLY A 240 21.46 -14.36 -9.05
N GLY A 241 21.38 -13.26 -9.81
CA GLY A 241 20.38 -12.21 -9.59
C GLY A 241 19.16 -12.50 -10.39
N VAL A 242 18.10 -11.73 -10.18
CA VAL A 242 16.84 -11.85 -10.98
C VAL A 242 16.51 -10.50 -11.63
N PHE A 243 15.78 -10.56 -12.73
CA PHE A 243 15.34 -9.37 -13.50
C PHE A 243 13.94 -9.02 -13.03
N ILE A 244 13.75 -7.84 -12.47
CA ILE A 244 12.41 -7.28 -12.13
C ILE A 244 11.98 -6.31 -13.23
N ALA A 245 10.86 -6.59 -13.89
CA ALA A 245 10.26 -5.65 -14.85
C ALA A 245 9.09 -4.99 -14.17
N ASP A 246 9.20 -3.66 -14.02
CA ASP A 246 8.17 -2.77 -13.46
C ASP A 246 7.28 -2.31 -14.62
N GLU A 247 6.10 -2.89 -14.73
CA GLU A 247 5.07 -2.56 -15.73
C GLU A 247 3.95 -1.73 -15.07
N VAL A 248 4.23 -1.06 -13.96
CA VAL A 248 3.15 -0.41 -13.15
C VAL A 248 2.44 0.66 -14.00
N GLN A 249 3.18 1.38 -14.84
CA GLN A 249 2.66 2.46 -15.72
C GLN A 249 2.41 1.98 -17.15
N VAL A 250 3.07 0.93 -17.62
CA VAL A 250 3.17 0.71 -19.09
C VAL A 250 2.50 -0.60 -19.54
N GLY A 251 1.76 -1.27 -18.66
CA GLY A 251 1.23 -2.61 -18.92
C GLY A 251 -0.18 -2.56 -19.50
N PHE A 252 -0.80 -3.73 -19.66
CA PHE A 252 -2.23 -3.87 -20.01
C PHE A 252 -2.52 -3.24 -21.38
N GLY A 253 -1.66 -3.55 -22.35
CA GLY A 253 -1.94 -3.30 -23.77
C GLY A 253 -1.59 -1.90 -24.22
N ARG A 254 -1.08 -1.03 -23.33
CA ARG A 254 -0.73 0.37 -23.69
C ARG A 254 0.25 0.42 -24.89
N VAL A 255 1.18 -0.50 -25.03
CA VAL A 255 2.19 -0.47 -26.14
C VAL A 255 1.57 -0.92 -27.48
N GLY A 256 0.33 -1.39 -27.48
CA GLY A 256 -0.48 -1.68 -28.68
C GLY A 256 -0.04 -2.96 -29.38
N LYS A 257 1.25 -3.14 -29.58
CA LYS A 257 1.83 -4.29 -30.30
C LYS A 257 1.83 -5.52 -29.37
N HIS A 258 1.81 -5.32 -28.04
CA HIS A 258 1.79 -6.41 -27.05
C HIS A 258 0.97 -6.00 -25.84
N PHE A 259 0.68 -6.98 -24.99
CA PHE A 259 0.00 -6.72 -23.72
C PHE A 259 0.98 -6.11 -22.72
N TRP A 260 2.20 -6.64 -22.66
CA TRP A 260 3.24 -6.20 -21.69
C TRP A 260 4.32 -5.44 -22.44
N SER A 261 4.80 -4.37 -21.84
CA SER A 261 5.79 -3.50 -22.49
C SER A 261 7.04 -4.32 -22.75
N PHE A 262 7.44 -5.16 -21.79
CA PHE A 262 8.66 -6.02 -21.90
C PHE A 262 8.59 -6.92 -23.15
N GLN A 263 7.40 -7.27 -23.67
CA GLN A 263 7.31 -8.21 -24.84
C GLN A 263 7.71 -7.49 -26.13
N MET A 264 7.91 -6.18 -26.07
CA MET A 264 8.45 -5.44 -27.24
C MET A 264 9.90 -5.88 -27.50
N TYR A 265 10.56 -6.55 -26.54
CA TYR A 265 11.94 -7.09 -26.71
C TYR A 265 11.93 -8.56 -27.17
N GLY A 266 10.79 -9.07 -27.65
CA GLY A 266 10.74 -10.39 -28.29
C GLY A 266 10.28 -11.47 -27.32
N GLU A 267 9.71 -12.53 -27.90
CA GLU A 267 9.03 -13.66 -27.20
C GLU A 267 10.05 -14.41 -26.35
N ASP A 268 11.36 -14.17 -26.54
CA ASP A 268 12.43 -14.84 -25.78
C ASP A 268 12.88 -13.98 -24.59
N PHE A 269 12.44 -12.73 -24.44
CA PHE A 269 12.78 -11.93 -23.24
C PHE A 269 11.71 -12.16 -22.15
N VAL A 270 12.09 -12.79 -21.04
CA VAL A 270 11.17 -13.16 -19.94
C VAL A 270 11.75 -12.67 -18.62
N PRO A 271 11.18 -11.62 -17.98
CA PRO A 271 11.62 -11.23 -16.64
C PRO A 271 11.36 -12.37 -15.64
N ASP A 272 12.03 -12.34 -14.49
CA ASP A 272 11.77 -13.27 -13.34
C ASP A 272 10.61 -12.77 -12.48
N ILE A 273 10.39 -11.47 -12.43
CA ILE A 273 9.33 -10.87 -11.59
C ILE A 273 8.74 -9.73 -12.39
N VAL A 274 7.43 -9.62 -12.42
CA VAL A 274 6.76 -8.49 -13.11
C VAL A 274 5.85 -7.84 -12.11
N THR A 275 5.90 -6.52 -11.99
CA THR A 275 5.03 -5.74 -11.08
C THR A 275 4.03 -4.94 -11.92
N MET A 276 2.85 -4.76 -11.36
CA MET A 276 1.73 -4.05 -11.99
C MET A 276 1.02 -3.25 -10.90
N GLY A 277 0.37 -2.17 -11.29
CA GLY A 277 -0.22 -1.23 -10.33
C GLY A 277 -1.68 -1.00 -10.63
N LYS A 278 -2.18 0.18 -10.25
CA LYS A 278 -3.63 0.47 -10.18
C LYS A 278 -4.26 0.57 -11.57
N PRO A 279 -3.53 0.80 -12.70
CA PRO A 279 -4.12 0.65 -14.03
C PRO A 279 -4.89 -0.68 -14.15
N MET A 280 -4.41 -1.74 -13.51
CA MET A 280 -5.05 -3.06 -13.61
C MET A 280 -6.43 -3.00 -12.99
N GLY A 281 -6.68 -2.04 -12.10
CA GLY A 281 -7.99 -1.87 -11.43
C GLY A 281 -8.70 -0.63 -11.89
N ASN A 282 -8.27 -0.04 -13.01
CA ASN A 282 -8.82 1.25 -13.49
C ASN A 282 -8.78 2.31 -12.40
N GLY A 283 -7.74 2.30 -11.57
CA GLY A 283 -7.61 3.33 -10.52
C GLY A 283 -8.02 2.85 -9.14
N HIS A 284 -8.78 1.75 -8.98
CA HIS A 284 -9.02 1.09 -7.66
C HIS A 284 -7.65 0.66 -7.11
N PRO A 285 -7.44 0.71 -5.79
CA PRO A 285 -6.16 0.29 -5.22
C PRO A 285 -6.01 -1.24 -5.29
N VAL A 286 -5.46 -1.66 -6.43
CA VAL A 286 -5.10 -3.07 -6.65
C VAL A 286 -3.83 -3.11 -7.48
N ALA A 287 -3.00 -4.09 -7.17
CA ALA A 287 -1.67 -4.23 -7.76
C ALA A 287 -1.26 -5.66 -7.53
N CYS A 288 -0.24 -6.08 -8.24
CA CYS A 288 0.09 -7.50 -8.33
C CYS A 288 1.57 -7.66 -8.66
N VAL A 289 2.15 -8.71 -8.12
CA VAL A 289 3.51 -9.20 -8.48
C VAL A 289 3.33 -10.60 -9.04
N VAL A 290 3.92 -10.90 -10.20
CA VAL A 290 3.94 -12.28 -10.78
C VAL A 290 5.41 -12.71 -10.86
N THR A 291 5.69 -13.91 -10.39
CA THR A 291 7.04 -14.48 -10.41
C THR A 291 6.96 -15.96 -10.74
N THR A 292 8.08 -16.63 -10.60
CA THR A 292 8.24 -18.05 -11.00
C THR A 292 7.95 -18.92 -9.78
N LYS A 293 7.66 -20.21 -10.00
CA LYS A 293 7.50 -21.20 -8.91
C LYS A 293 8.76 -21.16 -8.05
N GLU A 294 9.93 -21.19 -8.66
CA GLU A 294 11.23 -21.24 -7.95
C GLU A 294 11.34 -20.04 -7.00
N ILE A 295 10.98 -18.83 -7.45
CA ILE A 295 11.16 -17.65 -6.56
C ILE A 295 10.10 -17.68 -5.45
N ALA A 296 8.88 -18.09 -5.78
CA ALA A 296 7.78 -18.19 -4.82
C ALA A 296 8.11 -19.22 -3.71
N GLU A 297 8.72 -20.35 -4.05
CA GLU A 297 9.04 -21.46 -3.10
C GLU A 297 10.12 -20.98 -2.14
N ALA A 298 11.15 -20.28 -2.64
CA ALA A 298 12.18 -19.72 -1.75
C ALA A 298 11.50 -18.76 -0.77
N PHE A 299 10.50 -17.99 -1.24
CA PHE A 299 9.82 -16.96 -0.43
C PHE A 299 8.99 -17.66 0.64
N SER A 300 8.22 -18.69 0.26
CA SER A 300 7.27 -19.40 1.16
C SER A 300 8.05 -20.14 2.27
N SER A 301 9.35 -20.45 2.09
CA SER A 301 10.28 -20.95 3.14
C SER A 301 10.52 -19.90 4.24
N SER A 302 9.61 -18.92 4.40
CA SER A 302 9.65 -17.84 5.42
C SER A 302 8.38 -16.98 5.33
N ASN A 308 -1.82 -15.32 4.28
CA ASN A 308 -2.34 -14.80 2.98
C ASN A 308 -2.53 -13.27 3.07
N THR A 309 -1.45 -12.55 3.38
CA THR A 309 -1.26 -11.08 3.16
C THR A 309 -1.44 -10.72 1.68
N TYR A 310 -0.98 -11.59 0.78
CA TYR A 310 -0.95 -11.37 -0.69
C TYR A 310 -1.98 -12.26 -1.43
N GLY A 311 -2.94 -12.82 -0.70
CA GLY A 311 -3.97 -13.71 -1.28
C GLY A 311 -4.91 -12.96 -2.23
N GLY A 312 -5.07 -11.67 -2.03
CA GLY A 312 -5.96 -10.84 -2.86
C GLY A 312 -7.33 -10.63 -2.22
N ASN A 313 -8.14 -9.79 -2.85
CA ASN A 313 -9.41 -9.26 -2.30
C ASN A 313 -10.51 -9.52 -3.34
N PRO A 314 -11.69 -10.05 -2.95
CA PRO A 314 -12.71 -10.42 -3.93
C PRO A 314 -13.16 -9.25 -4.80
N VAL A 315 -13.35 -8.07 -4.20
CA VAL A 315 -13.81 -6.85 -4.90
C VAL A 315 -12.70 -6.42 -5.87
N SER A 316 -11.44 -6.41 -5.42
CA SER A 316 -10.28 -6.02 -6.26
C SER A 316 -10.20 -6.98 -7.45
N CYS A 317 -10.39 -8.27 -7.25
CA CYS A 317 -10.29 -9.24 -8.37
C CYS A 317 -11.50 -9.11 -9.31
N ALA A 318 -12.68 -8.80 -8.79
CA ALA A 318 -13.87 -8.56 -9.62
C ALA A 318 -13.57 -7.36 -10.54
N VAL A 319 -13.01 -6.29 -9.98
CA VAL A 319 -12.66 -5.07 -10.76
C VAL A 319 -11.58 -5.42 -11.79
N GLY A 320 -10.56 -6.16 -11.38
CA GLY A 320 -9.47 -6.65 -12.25
C GLY A 320 -10.00 -7.43 -13.44
N LEU A 321 -10.93 -8.36 -13.20
CA LEU A 321 -11.52 -9.21 -14.27
C LEU A 321 -12.33 -8.32 -15.23
N ALA A 322 -13.10 -7.36 -14.73
CA ALA A 322 -13.88 -6.44 -15.57
C ALA A 322 -12.89 -5.64 -16.45
N VAL A 323 -11.75 -5.22 -15.89
CA VAL A 323 -10.74 -4.45 -16.68
C VAL A 323 -10.23 -5.36 -17.81
N LEU A 324 -9.81 -6.58 -17.49
CA LEU A 324 -9.31 -7.54 -18.52
C LEU A 324 -10.41 -7.75 -19.58
N ASP A 325 -11.66 -7.93 -19.14
CA ASP A 325 -12.76 -8.17 -20.10
C ASP A 325 -12.93 -6.96 -21.02
N ILE A 326 -12.93 -5.74 -20.48
CA ILE A 326 -13.09 -4.49 -21.25
C ILE A 326 -11.93 -4.37 -22.27
N ILE A 327 -10.68 -4.54 -21.85
CA ILE A 327 -9.52 -4.42 -22.79
C ILE A 327 -9.79 -5.36 -23.98
N GLU A 328 -10.25 -6.58 -23.68
CA GLU A 328 -10.54 -7.62 -24.71
C GLU A 328 -11.74 -7.19 -25.54
N ASN A 329 -12.87 -6.82 -24.91
CA ASN A 329 -14.15 -6.62 -25.64
C ASN A 329 -14.08 -5.35 -26.45
N GLU A 330 -13.33 -4.34 -25.99
CA GLU A 330 -13.29 -3.02 -26.66
C GLU A 330 -12.06 -2.90 -27.56
N ASP A 331 -11.26 -3.95 -27.74
CA ASP A 331 -10.01 -3.93 -28.55
C ASP A 331 -9.14 -2.71 -28.18
N LEU A 332 -8.94 -2.48 -26.87
CA LEU A 332 -8.24 -1.27 -26.40
C LEU A 332 -6.76 -1.36 -26.76
N GLN A 333 -6.19 -2.58 -26.77
CA GLN A 333 -4.79 -2.80 -27.20
C GLN A 333 -4.66 -2.39 -28.67
N GLY A 334 -5.60 -2.83 -29.51
CA GLY A 334 -5.70 -2.42 -30.92
C GLY A 334 -5.92 -0.92 -31.04
N ASN A 335 -6.76 -0.34 -30.20
CA ASN A 335 -6.99 1.12 -30.25
C ASN A 335 -5.65 1.82 -29.98
N ALA A 336 -4.92 1.38 -28.95
CA ALA A 336 -3.65 2.01 -28.55
C ALA A 336 -2.67 1.91 -29.71
N LYS A 337 -2.61 0.75 -30.37
CA LYS A 337 -1.75 0.57 -31.57
C LYS A 337 -2.10 1.58 -32.68
N ARG A 338 -3.38 1.66 -33.08
CA ARG A 338 -3.83 2.48 -34.23
C ARG A 338 -3.72 3.97 -33.89
N VAL A 339 -4.30 4.40 -32.78
CA VAL A 339 -4.28 5.83 -32.39
C VAL A 339 -2.83 6.24 -32.12
N GLY A 340 -2.04 5.37 -31.48
CA GLY A 340 -0.61 5.60 -31.23
C GLY A 340 0.15 5.87 -32.51
N ASN A 341 -0.09 5.06 -33.55
CA ASN A 341 0.62 5.16 -34.85
C ASN A 341 0.21 6.48 -35.53
N TYR A 342 -1.06 6.85 -35.42
CA TYR A 342 -1.60 8.12 -35.95
C TYR A 342 -0.93 9.31 -35.24
N LEU A 343 -0.88 9.26 -33.90
CA LEU A 343 -0.23 10.30 -33.07
C LEU A 343 1.23 10.45 -33.47
N THR A 344 1.98 9.35 -33.58
CA THR A 344 3.40 9.35 -34.01
C THR A 344 3.55 10.06 -35.35
N GLU A 345 2.69 9.76 -36.33
CA GLU A 345 2.78 10.38 -37.69
C GLU A 345 2.46 11.88 -37.58
N LEU A 346 1.41 12.26 -36.88
CA LEU A 346 1.12 13.70 -36.66
C LEU A 346 2.33 14.38 -36.04
N LEU A 347 2.96 13.77 -35.04
CA LEU A 347 4.05 14.41 -34.24
C LEU A 347 5.34 14.43 -35.06
N LYS A 348 5.59 13.44 -35.93
CA LYS A 348 6.72 13.51 -36.89
C LYS A 348 6.58 14.77 -37.80
N LYS A 349 5.38 15.09 -38.26
CA LYS A 349 5.15 16.31 -39.05
C LYS A 349 5.34 17.55 -38.15
N GLN A 350 4.93 17.51 -36.89
CA GLN A 350 5.15 18.69 -36.00
C GLN A 350 6.67 18.94 -35.85
N LYS A 351 7.46 17.88 -35.76
CA LYS A 351 8.93 18.00 -35.53
C LYS A 351 9.58 18.69 -36.73
N ALA A 352 9.12 18.39 -37.94
CA ALA A 352 9.66 18.93 -39.21
C ALA A 352 9.43 20.42 -39.27
N LYS A 353 8.42 20.91 -38.57
CA LYS A 353 7.88 22.29 -38.62
C LYS A 353 8.38 23.11 -37.41
N HIS A 354 8.77 22.44 -36.34
CA HIS A 354 8.97 23.07 -35.00
C HIS A 354 10.31 22.65 -34.41
N THR A 355 11.28 23.56 -34.44
CA THR A 355 12.65 23.37 -33.94
C THR A 355 12.64 23.06 -32.43
N LEU A 356 11.63 23.46 -31.66
CA LEU A 356 11.56 23.16 -30.19
C LEU A 356 11.48 21.65 -29.95
N ILE A 357 10.98 20.90 -30.94
CA ILE A 357 10.85 19.43 -30.81
C ILE A 357 12.20 18.80 -31.12
N GLY A 358 12.81 18.23 -30.08
CA GLY A 358 14.08 17.52 -30.16
C GLY A 358 13.89 16.07 -30.56
N ASP A 359 12.88 15.40 -30.02
CA ASP A 359 12.73 13.93 -30.15
C ASP A 359 11.27 13.61 -29.86
N ILE A 360 10.70 12.78 -30.71
CA ILE A 360 9.41 12.10 -30.51
C ILE A 360 9.72 10.65 -30.19
N ARG A 361 9.32 10.17 -29.04
CA ARG A 361 9.56 8.75 -28.73
C ARG A 361 8.32 8.15 -28.08
N GLY A 362 8.24 6.84 -28.17
CA GLY A 362 7.11 6.12 -27.58
C GLY A 362 6.53 5.14 -28.55
N ILE A 363 5.46 4.51 -28.11
CA ILE A 363 4.82 3.38 -28.81
C ILE A 363 3.45 3.27 -28.16
N GLY A 364 2.48 2.95 -29.01
CA GLY A 364 1.08 2.92 -28.61
C GLY A 364 0.73 4.24 -27.96
N LEU A 365 0.06 4.21 -26.80
CA LEU A 365 -0.37 5.42 -26.07
C LEU A 365 0.58 5.65 -24.88
N PHE A 366 1.87 5.51 -25.16
CA PHE A 366 2.97 5.95 -24.27
C PHE A 366 3.93 6.80 -25.09
N ILE A 367 3.74 8.11 -25.08
CA ILE A 367 4.51 9.01 -25.97
C ILE A 367 5.16 10.10 -25.14
N GLY A 368 6.39 10.44 -25.51
CA GLY A 368 7.10 11.63 -25.03
C GLY A 368 7.50 12.53 -26.18
N ILE A 369 7.36 13.82 -25.97
CA ILE A 369 7.82 14.90 -26.88
C ILE A 369 8.90 15.69 -26.13
N ASP A 370 10.16 15.43 -26.47
CA ASP A 370 11.35 15.98 -25.77
C ASP A 370 11.62 17.37 -26.38
N LEU A 371 11.40 18.43 -25.62
CA LEU A 371 11.53 19.83 -26.08
C LEU A 371 12.93 20.33 -25.75
N VAL A 372 13.58 20.97 -26.72
CA VAL A 372 15.00 21.39 -26.63
C VAL A 372 15.12 22.85 -27.06
N LYS A 373 16.06 23.56 -26.45
CA LYS A 373 16.39 24.96 -26.81
C LYS A 373 17.27 24.97 -28.07
N ASP A 374 17.98 23.87 -28.33
CA ASP A 374 18.96 23.80 -29.46
C ASP A 374 19.27 22.34 -29.75
N HIS A 375 19.59 22.04 -30.99
CA HIS A 375 19.85 20.65 -31.42
C HIS A 375 21.30 20.27 -31.21
N LEU A 376 22.24 21.22 -31.24
CA LEU A 376 23.67 20.90 -31.02
C LEU A 376 23.82 20.19 -29.67
N LYS A 377 23.23 20.75 -28.60
CA LYS A 377 23.48 20.24 -27.23
C LYS A 377 22.23 19.53 -26.69
N ARG A 378 21.10 19.66 -27.36
CA ARG A 378 19.82 19.07 -26.89
C ARG A 378 19.46 19.65 -25.51
N THR A 379 19.73 20.93 -25.28
CA THR A 379 19.47 21.62 -23.98
C THR A 379 17.99 21.54 -23.69
N PRO A 380 17.59 20.90 -22.58
CA PRO A 380 16.18 20.82 -22.20
C PRO A 380 15.48 22.17 -22.18
N ALA A 381 14.31 22.24 -22.83
CA ALA A 381 13.49 23.48 -22.87
C ALA A 381 12.47 23.42 -21.74
N THR A 382 12.96 23.41 -20.52
CA THR A 382 12.14 23.29 -19.27
C THR A 382 11.11 24.42 -19.21
N ALA A 383 11.52 25.68 -19.36
CA ALA A 383 10.59 26.83 -19.15
C ALA A 383 9.56 26.78 -20.26
N GLU A 384 10.00 26.43 -21.48
CA GLU A 384 9.09 26.35 -22.65
C GLU A 384 8.04 25.25 -22.42
N ALA A 385 8.44 24.08 -21.90
CA ALA A 385 7.51 22.97 -21.61
C ALA A 385 6.45 23.44 -20.59
N GLN A 386 6.86 24.16 -19.54
CA GLN A 386 5.89 24.58 -18.48
C GLN A 386 4.84 25.48 -19.17
N HIS A 387 5.31 26.42 -19.99
CA HIS A 387 4.46 27.38 -20.76
C HIS A 387 3.49 26.61 -21.68
N ILE A 388 4.00 25.61 -22.42
CA ILE A 388 3.15 24.78 -23.32
C ILE A 388 2.09 24.05 -22.50
N ILE A 389 2.41 23.50 -21.32
CA ILE A 389 1.38 22.85 -20.48
C ILE A 389 0.28 23.84 -20.09
N TYR A 390 0.67 25.03 -19.69
CA TYR A 390 -0.27 26.09 -19.28
C TYR A 390 -1.21 26.44 -20.46
N LYS A 391 -0.63 26.66 -21.65
CA LYS A 391 -1.39 27.03 -22.85
C LYS A 391 -2.32 25.89 -23.28
N MET A 392 -1.84 24.65 -23.26
CA MET A 392 -2.67 23.47 -23.63
C MET A 392 -3.85 23.37 -22.64
N LYS A 393 -3.62 23.62 -21.36
CA LYS A 393 -4.68 23.59 -20.32
C LYS A 393 -5.71 24.69 -20.62
N GLU A 394 -5.30 25.86 -21.12
CA GLU A 394 -6.26 26.91 -21.54
C GLU A 394 -7.12 26.43 -22.71
N LYS A 395 -6.58 25.57 -23.57
CA LYS A 395 -7.37 24.96 -24.66
C LYS A 395 -8.01 23.64 -24.21
N ARG A 396 -8.06 23.38 -22.89
CA ARG A 396 -8.70 22.20 -22.22
C ARG A 396 -8.08 20.89 -22.70
N VAL A 397 -6.77 20.86 -22.93
CA VAL A 397 -6.01 19.59 -23.02
C VAL A 397 -5.12 19.51 -21.77
N LEU A 398 -5.27 18.41 -21.04
CA LEU A 398 -4.48 18.23 -19.80
C LEU A 398 -3.28 17.38 -20.16
N LEU A 399 -2.07 17.94 -20.10
CA LEU A 399 -0.86 17.07 -20.11
C LEU A 399 0.11 17.50 -19.02
N SER A 400 1.25 16.81 -18.95
CA SER A 400 2.32 17.08 -17.98
C SER A 400 3.66 16.91 -18.67
N ALA A 401 4.72 17.27 -17.96
CA ALA A 401 6.12 17.29 -18.45
C ALA A 401 6.95 16.48 -17.45
N ASP A 402 7.65 15.46 -17.91
CA ASP A 402 8.56 14.70 -17.02
C ASP A 402 9.94 14.72 -17.68
N GLY A 403 10.75 13.73 -17.32
CA GLY A 403 12.19 13.71 -17.56
C GLY A 403 12.84 14.42 -16.39
N PRO A 404 14.14 14.18 -16.16
CA PRO A 404 14.82 14.82 -15.02
C PRO A 404 14.86 16.34 -15.22
N HIS A 405 14.76 16.84 -16.45
CA HIS A 405 14.70 18.31 -16.70
C HIS A 405 13.29 18.83 -16.98
N ARG A 406 12.25 18.02 -16.79
CA ARG A 406 10.83 18.44 -16.87
C ARG A 406 10.59 19.08 -18.23
N ASN A 407 11.17 18.54 -19.30
CA ASN A 407 11.04 19.16 -20.64
C ASN A 407 10.33 18.22 -21.60
N VAL A 408 9.96 17.05 -21.14
CA VAL A 408 9.39 16.02 -22.04
C VAL A 408 7.88 15.99 -21.84
N LEU A 409 7.13 16.51 -22.79
CA LEU A 409 5.64 16.42 -22.81
C LEU A 409 5.29 14.93 -22.86
N LYS A 410 4.43 14.52 -21.94
CA LYS A 410 3.98 13.15 -21.74
C LYS A 410 2.55 12.99 -22.28
N ILE A 411 2.34 12.01 -23.15
CA ILE A 411 0.99 11.57 -23.60
C ILE A 411 0.76 10.13 -23.18
N LYS A 412 -0.13 9.95 -22.20
CA LYS A 412 -0.51 8.61 -21.71
C LYS A 412 -1.97 8.64 -21.22
N PRO A 413 -2.92 8.79 -22.16
CA PRO A 413 -4.32 8.92 -21.80
C PRO A 413 -4.98 7.59 -21.46
N PRO A 414 -6.21 7.63 -20.92
CA PRO A 414 -7.07 6.47 -20.92
C PRO A 414 -7.10 5.85 -22.32
N MET A 415 -7.27 4.54 -22.38
CA MET A 415 -6.97 3.77 -23.61
C MET A 415 -8.05 3.95 -24.69
N CYS A 416 -9.16 4.62 -24.39
CA CYS A 416 -10.28 4.86 -25.35
C CYS A 416 -10.05 6.18 -26.12
N PHE A 417 -8.96 6.90 -25.84
CA PHE A 417 -8.47 8.06 -26.62
C PHE A 417 -8.59 7.77 -28.13
N THR A 418 -9.14 8.73 -28.88
CA THR A 418 -9.48 8.55 -30.31
C THR A 418 -8.51 9.30 -31.23
N GLU A 419 -8.57 9.01 -32.52
CA GLU A 419 -7.81 9.77 -33.52
C GLU A 419 -8.28 11.20 -33.52
N GLU A 420 -9.57 11.44 -33.32
CA GLU A 420 -10.14 12.80 -33.22
C GLU A 420 -9.47 13.53 -32.05
N ASP A 421 -9.29 12.85 -30.91
CA ASP A 421 -8.66 13.47 -29.72
C ASP A 421 -7.20 13.78 -30.07
N ALA A 422 -6.51 12.87 -30.73
CA ALA A 422 -5.10 13.02 -31.13
C ALA A 422 -4.91 14.26 -32.04
N LYS A 423 -5.78 14.40 -33.05
CA LYS A 423 -5.76 15.52 -34.00
C LYS A 423 -6.00 16.84 -33.27
N PHE A 424 -7.00 16.86 -32.41
CA PHE A 424 -7.34 18.04 -31.59
C PHE A 424 -6.10 18.43 -30.76
N MET A 425 -5.57 17.49 -30.00
CA MET A 425 -4.42 17.78 -29.11
C MET A 425 -3.28 18.37 -29.96
N VAL A 426 -2.90 17.66 -31.02
CA VAL A 426 -1.78 18.10 -31.91
C VAL A 426 -2.10 19.46 -32.57
N ASP A 427 -3.35 19.68 -32.98
CA ASP A 427 -3.75 20.99 -33.58
C ASP A 427 -3.50 22.09 -32.55
N GLN A 428 -3.92 21.90 -31.31
CA GLN A 428 -3.72 22.91 -30.25
C GLN A 428 -2.20 23.09 -29.98
N LEU A 429 -1.43 22.01 -29.99
CA LEU A 429 0.03 22.06 -29.75
C LEU A 429 0.73 22.84 -30.87
N ASP A 430 0.36 22.55 -32.12
CA ASP A 430 0.95 23.19 -33.31
C ASP A 430 0.81 24.70 -33.15
N ARG A 431 -0.41 25.18 -32.86
CA ARG A 431 -0.71 26.62 -32.73
C ARG A 431 0.13 27.21 -31.61
N ILE A 432 0.22 26.53 -30.47
CA ILE A 432 0.98 27.03 -29.29
C ILE A 432 2.46 27.12 -29.61
N LEU A 433 3.01 26.14 -30.33
CA LEU A 433 4.45 26.07 -30.70
C LEU A 433 4.74 27.18 -31.71
N THR A 434 3.80 27.42 -32.64
CA THR A 434 3.95 28.47 -33.70
C THR A 434 4.06 29.83 -33.02
N VAL A 435 3.14 30.15 -32.14
CA VAL A 435 3.15 31.43 -31.38
C VAL A 435 4.44 31.51 -30.56
N LEU A 436 4.81 30.45 -29.86
CA LEU A 436 5.99 30.46 -28.95
C LEU A 436 7.27 30.66 -29.77
N GLU A 437 7.45 29.93 -30.88
CA GLU A 437 8.70 30.03 -31.68
C GLU A 437 8.73 31.39 -32.39
N GLU A 438 7.59 31.93 -32.83
CA GLU A 438 7.56 33.28 -33.45
C GLU A 438 8.02 34.29 -32.38
N ALA A 439 7.53 34.22 -31.15
CA ALA A 439 7.93 35.14 -30.04
C ALA A 439 9.45 35.02 -29.76
N MET A 440 9.97 33.81 -29.67
CA MET A 440 11.38 33.56 -29.28
C MET A 440 12.26 34.11 -30.38
N GLY A 441 11.80 34.06 -31.63
CA GLY A 441 12.57 34.45 -32.81
C GLY A 441 12.42 35.93 -33.16
N THR A 442 11.91 36.75 -32.24
CA THR A 442 11.83 38.23 -32.37
C THR A 442 12.83 38.86 -31.39
N ILE B 31 -15.39 -25.31 4.15
CA ILE B 31 -15.66 -24.00 4.85
C ILE B 31 -15.50 -22.83 3.87
N LYS B 32 -16.39 -22.73 2.89
CA LYS B 32 -16.32 -21.72 1.81
C LYS B 32 -17.30 -20.58 2.08
N ILE B 33 -16.80 -19.46 2.59
CA ILE B 33 -17.59 -18.21 2.81
C ILE B 33 -17.68 -17.50 1.47
N VAL B 34 -18.90 -17.10 1.06
CA VAL B 34 -19.18 -16.39 -0.22
C VAL B 34 -19.95 -15.10 0.02
N ARG B 35 -20.47 -14.88 1.22
CA ARG B 35 -21.40 -13.78 1.45
C ARG B 35 -21.20 -13.34 2.91
N ALA B 36 -21.39 -12.07 3.22
CA ALA B 36 -21.28 -11.57 4.60
C ALA B 36 -22.23 -10.38 4.73
N GLN B 37 -22.82 -10.18 5.90
CA GLN B 37 -23.67 -9.02 6.15
C GLN B 37 -23.54 -8.73 7.64
N ARG B 38 -23.20 -7.49 7.98
CA ARG B 38 -23.09 -6.98 9.37
C ARG B 38 -22.04 -7.85 10.07
N GLN B 39 -22.39 -8.49 11.20
CA GLN B 39 -21.46 -9.30 12.01
C GLN B 39 -21.50 -10.77 11.58
N TYR B 40 -22.15 -11.11 10.47
CA TYR B 40 -22.34 -12.53 10.06
C TYR B 40 -21.69 -12.79 8.70
N MET B 41 -21.23 -14.02 8.51
CA MET B 41 -20.73 -14.57 7.23
C MET B 41 -21.55 -15.81 6.90
N PHE B 42 -21.68 -16.14 5.62
CA PHE B 42 -22.56 -17.22 5.13
C PHE B 42 -21.75 -18.08 4.15
N ASP B 43 -21.82 -19.40 4.26
CA ASP B 43 -21.18 -20.29 3.27
C ASP B 43 -22.11 -20.45 2.07
N GLU B 44 -21.74 -21.25 1.07
CA GLU B 44 -22.55 -21.37 -0.18
C GLU B 44 -23.85 -22.13 0.09
N ASN B 45 -23.99 -22.79 1.24
CA ASN B 45 -25.31 -23.34 1.67
C ASN B 45 -26.16 -22.32 2.44
N GLY B 46 -25.70 -21.06 2.60
CA GLY B 46 -26.44 -20.03 3.36
C GLY B 46 -26.36 -20.21 4.87
N GLU B 47 -25.53 -21.14 5.35
CA GLU B 47 -25.31 -21.35 6.82
C GLU B 47 -24.64 -20.13 7.41
N GLN B 48 -25.10 -19.71 8.59
CA GLN B 48 -24.72 -18.44 9.23
C GLN B 48 -23.58 -18.68 10.23
N TYR B 49 -22.56 -17.82 10.14
CA TYR B 49 -21.37 -17.81 11.02
C TYR B 49 -21.24 -16.45 11.72
N LEU B 50 -20.93 -16.53 13.01
CA LEU B 50 -20.66 -15.35 13.86
C LEU B 50 -19.20 -14.95 13.68
N ASP B 51 -18.98 -13.73 13.16
CA ASP B 51 -17.64 -13.19 12.80
C ASP B 51 -17.07 -12.48 14.03
N CYS B 52 -16.08 -13.08 14.72
CA CYS B 52 -15.38 -12.42 15.86
C CYS B 52 -13.97 -11.95 15.43
N ILE B 53 -13.64 -12.04 14.14
CA ILE B 53 -12.25 -11.98 13.58
C ILE B 53 -12.08 -10.65 12.83
N ASN B 54 -12.96 -10.37 11.86
CA ASN B 54 -12.75 -9.35 10.80
C ASN B 54 -13.13 -7.95 11.31
N ASN B 55 -12.29 -7.39 12.19
CA ASN B 55 -12.49 -6.01 12.72
C ASN B 55 -12.42 -5.00 11.54
N VAL B 56 -11.80 -5.40 10.44
CA VAL B 56 -11.62 -4.52 9.24
C VAL B 56 -13.01 -4.21 8.66
N ALA B 57 -13.94 -5.14 8.70
CA ALA B 57 -15.38 -4.89 8.40
C ALA B 57 -15.98 -4.20 9.63
N HIS B 58 -15.45 -3.03 9.94
CA HIS B 58 -15.59 -2.35 11.26
C HIS B 58 -17.04 -1.99 11.54
N VAL B 59 -17.76 -1.44 10.54
CA VAL B 59 -19.20 -1.06 10.74
C VAL B 59 -20.14 -2.17 10.25
N GLY B 60 -19.59 -3.34 9.93
CA GLY B 60 -20.40 -4.46 9.45
C GLY B 60 -20.15 -4.74 7.98
N HIS B 61 -20.07 -6.01 7.62
CA HIS B 61 -19.81 -6.42 6.23
C HIS B 61 -20.89 -5.85 5.31
N CYS B 62 -20.48 -5.39 4.13
CA CYS B 62 -21.36 -4.98 3.02
C CYS B 62 -22.43 -4.02 3.51
N HIS B 63 -22.05 -3.13 4.42
CA HIS B 63 -22.95 -2.06 4.90
C HIS B 63 -23.44 -1.25 3.71
N PRO B 64 -24.78 -1.24 3.47
CA PRO B 64 -25.39 -0.52 2.34
C PRO B 64 -25.02 0.97 2.27
N GLY B 65 -24.82 1.62 3.43
CA GLY B 65 -24.48 3.05 3.50
C GLY B 65 -23.08 3.33 2.97
N VAL B 66 -22.16 2.38 3.17
CA VAL B 66 -20.78 2.43 2.66
C VAL B 66 -20.82 2.12 1.15
N VAL B 67 -21.53 1.07 0.76
CA VAL B 67 -21.65 0.66 -0.67
C VAL B 67 -22.24 1.84 -1.48
N LYS B 68 -23.25 2.51 -0.92
CA LYS B 68 -23.97 3.61 -1.59
C LYS B 68 -23.01 4.77 -1.79
N ALA B 69 -22.27 5.16 -0.76
CA ALA B 69 -21.27 6.25 -0.80
C ALA B 69 -20.22 5.92 -1.86
N ALA B 70 -19.80 4.68 -1.94
CA ALA B 70 -18.71 4.28 -2.85
C ALA B 70 -19.25 4.39 -4.29
N LEU B 71 -20.44 3.84 -4.51
CA LEU B 71 -21.09 3.78 -5.83
C LEU B 71 -21.30 5.20 -6.34
N LYS B 72 -21.79 6.09 -5.50
CA LYS B 72 -22.11 7.47 -5.93
C LYS B 72 -20.81 8.14 -6.38
N GLN B 73 -19.74 8.01 -5.59
CA GLN B 73 -18.48 8.67 -5.97
C GLN B 73 -17.84 7.96 -7.18
N MET B 74 -17.96 6.64 -7.31
CA MET B 74 -17.30 5.86 -8.41
C MET B 74 -17.93 6.23 -9.77
N GLU B 75 -19.16 6.71 -9.77
CA GLU B 75 -19.86 7.10 -11.01
C GLU B 75 -19.44 8.50 -11.43
N LEU B 76 -18.84 9.27 -10.54
CA LEU B 76 -18.46 10.69 -10.81
C LEU B 76 -16.96 10.82 -11.11
N LEU B 77 -16.11 10.42 -10.16
CA LEU B 77 -14.65 10.72 -10.24
C LEU B 77 -13.87 9.83 -9.27
N ASN B 78 -12.82 9.17 -9.76
CA ASN B 78 -11.96 8.31 -8.92
C ASN B 78 -10.49 8.76 -9.01
N THR B 79 -10.24 10.02 -9.28
CA THR B 79 -8.90 10.58 -9.64
C THR B 79 -8.50 11.64 -8.62
N ASN B 80 -7.23 11.56 -8.23
CA ASN B 80 -6.59 12.17 -7.03
C ASN B 80 -6.60 13.69 -7.12
N SER B 81 -6.58 14.32 -5.94
CA SER B 81 -6.72 15.77 -5.68
C SER B 81 -5.46 16.55 -6.11
N ARG B 82 -5.19 16.61 -7.41
CA ARG B 82 -4.50 17.76 -8.05
C ARG B 82 -5.52 18.89 -8.17
N PHE B 83 -6.81 18.56 -7.96
CA PHE B 83 -7.96 19.50 -7.86
C PHE B 83 -8.64 19.28 -6.51
N LEU B 84 -8.13 19.92 -5.46
CA LEU B 84 -8.33 19.51 -4.04
C LEU B 84 -9.84 19.30 -3.77
N HIS B 85 -10.27 18.06 -3.90
CA HIS B 85 -11.69 17.60 -3.95
C HIS B 85 -12.42 17.80 -2.61
N ASP B 86 -13.71 18.17 -2.66
CA ASP B 86 -14.56 18.47 -1.47
C ASP B 86 -14.51 17.30 -0.48
N ASN B 87 -14.58 16.07 -0.97
CA ASN B 87 -14.56 14.82 -0.15
C ASN B 87 -13.32 14.77 0.73
N ILE B 88 -12.18 15.02 0.10
CA ILE B 88 -10.87 14.92 0.77
C ILE B 88 -10.80 16.01 1.85
N VAL B 89 -11.23 17.22 1.52
CA VAL B 89 -11.16 18.37 2.45
C VAL B 89 -12.08 18.06 3.64
N GLU B 90 -13.29 17.58 3.38
CA GLU B 90 -14.31 17.33 4.43
C GLU B 90 -13.87 16.13 5.28
N TYR B 91 -13.36 15.06 4.65
CA TYR B 91 -12.92 13.87 5.41
C TYR B 91 -11.81 14.29 6.38
N ALA B 92 -10.79 15.00 5.92
CA ALA B 92 -9.61 15.38 6.75
C ALA B 92 -10.07 16.25 7.91
N LYS B 93 -11.04 17.14 7.67
CA LYS B 93 -11.59 18.03 8.73
C LYS B 93 -12.30 17.15 9.78
N ARG B 94 -13.06 16.15 9.34
CA ARG B 94 -13.88 15.28 10.23
C ARG B 94 -12.95 14.39 11.07
N LEU B 95 -11.87 13.87 10.47
CA LEU B 95 -10.87 13.02 11.19
C LEU B 95 -10.18 13.86 12.26
N SER B 96 -9.70 15.02 11.83
CA SER B 96 -8.98 15.98 12.69
C SER B 96 -9.88 16.37 13.89
N ALA B 97 -11.19 16.53 13.65
CA ALA B 97 -12.17 16.88 14.69
C ALA B 97 -12.19 15.78 15.77
N THR B 98 -11.84 14.54 15.47
CA THR B 98 -11.92 13.46 16.48
C THR B 98 -10.62 13.40 17.31
N LEU B 99 -9.61 14.22 16.99
CA LEU B 99 -8.26 14.07 17.58
C LEU B 99 -7.93 15.29 18.44
N PRO B 100 -6.99 15.18 19.39
CA PRO B 100 -6.40 16.35 20.04
C PRO B 100 -6.01 17.46 19.06
N GLU B 101 -6.03 18.69 19.59
CA GLU B 101 -5.70 19.97 18.92
C GLU B 101 -4.50 19.80 17.98
N LYS B 102 -3.33 19.42 18.48
CA LYS B 102 -2.07 19.50 17.70
C LYS B 102 -2.04 18.46 16.55
N LEU B 103 -2.94 17.48 16.51
CA LEU B 103 -2.94 16.44 15.43
C LEU B 103 -3.90 16.87 14.32
N SER B 104 -3.36 17.61 13.36
CA SER B 104 -4.20 18.39 12.41
C SER B 104 -3.83 18.13 10.94
N VAL B 105 -2.75 17.41 10.62
CA VAL B 105 -2.32 17.24 9.19
C VAL B 105 -2.47 15.76 8.81
N CYS B 106 -3.28 15.48 7.78
CA CYS B 106 -3.64 14.14 7.29
C CYS B 106 -2.88 13.82 6.01
N TYR B 107 -2.26 12.65 5.98
CA TYR B 107 -1.69 12.06 4.77
C TYR B 107 -2.50 10.80 4.48
N PHE B 108 -3.00 10.63 3.26
CA PHE B 108 -3.84 9.45 2.90
C PHE B 108 -2.95 8.44 2.19
N THR B 109 -3.08 7.16 2.52
CA THR B 109 -2.33 6.04 1.89
C THR B 109 -3.34 4.94 1.53
N ASN B 110 -2.86 3.79 1.04
CA ASN B 110 -3.71 2.68 0.53
C ASN B 110 -3.86 1.55 1.56
N SER B 111 -3.05 1.55 2.61
CA SER B 111 -2.98 0.45 3.60
C SER B 111 -2.38 0.95 4.92
N GLY B 112 -2.74 0.26 6.00
CA GLY B 112 -2.13 0.38 7.33
C GLY B 112 -0.62 0.30 7.21
N SER B 113 -0.12 -0.63 6.39
CA SER B 113 1.34 -0.78 6.17
C SER B 113 1.92 0.49 5.53
N GLU B 114 1.25 1.04 4.51
CA GLU B 114 1.75 2.28 3.89
C GLU B 114 1.73 3.41 4.91
N ALA B 115 0.67 3.48 5.73
CA ALA B 115 0.57 4.51 6.79
C ALA B 115 1.76 4.38 7.77
N ASN B 116 2.08 3.18 8.21
CA ASN B 116 3.22 2.98 9.16
C ASN B 116 4.55 3.36 8.48
N ASP B 117 4.72 2.97 7.22
CA ASP B 117 5.96 3.30 6.47
C ASP B 117 6.10 4.81 6.42
N LEU B 118 5.00 5.53 6.12
CA LEU B 118 5.05 7.00 6.03
C LEU B 118 5.39 7.54 7.43
N ALA B 119 4.84 6.95 8.50
CA ALA B 119 5.04 7.48 9.87
C ALA B 119 6.54 7.43 10.20
N LEU B 120 7.23 6.36 9.81
CA LEU B 120 8.68 6.23 10.07
C LEU B 120 9.43 7.30 9.27
N ARG B 121 9.02 7.60 8.04
CA ARG B 121 9.69 8.65 7.22
C ARG B 121 9.43 10.04 7.81
N LEU B 122 8.22 10.34 8.26
CA LEU B 122 7.90 11.65 8.91
C LEU B 122 8.79 11.80 10.15
N ALA B 123 8.89 10.76 10.97
CA ALA B 123 9.71 10.76 12.20
C ALA B 123 11.19 10.94 11.85
N ARG B 124 11.72 10.22 10.86
CA ARG B 124 13.16 10.26 10.54
C ARG B 124 13.53 11.59 9.85
N GLN B 125 12.66 12.13 9.02
CA GLN B 125 12.86 13.43 8.33
C GLN B 125 12.77 14.60 9.34
N PHE B 126 12.01 14.45 10.41
CA PHE B 126 11.70 15.54 11.38
C PHE B 126 13.00 16.19 11.83
N ARG B 127 13.96 15.43 12.36
CA ARG B 127 15.28 16.00 12.81
C ARG B 127 16.45 15.26 12.15
N GLY B 128 16.18 14.26 11.31
CA GLY B 128 17.28 13.48 10.70
C GLY B 128 17.77 12.38 11.63
N HIS B 129 17.10 12.14 12.75
CA HIS B 129 17.43 10.95 13.58
C HIS B 129 16.96 9.71 12.85
N GLN B 130 17.67 8.60 13.03
CA GLN B 130 17.41 7.36 12.28
C GLN B 130 16.79 6.27 13.17
N ASP B 131 17.05 6.22 14.50
CA ASP B 131 16.71 4.98 15.27
C ASP B 131 15.24 4.99 15.68
N VAL B 132 14.62 3.80 15.66
CA VAL B 132 13.22 3.55 16.07
C VAL B 132 13.24 2.51 17.19
N ILE B 133 12.53 2.85 18.25
CA ILE B 133 12.29 1.96 19.40
C ILE B 133 10.91 1.36 19.18
N THR B 134 10.87 0.05 19.23
CA THR B 134 9.63 -0.72 19.03
C THR B 134 9.47 -1.62 20.23
N LEU B 135 8.30 -2.25 20.34
CA LEU B 135 8.00 -3.19 21.43
C LEU B 135 8.28 -4.61 20.97
N ASP B 136 8.67 -5.44 21.94
CA ASP B 136 8.72 -6.89 21.70
C ASP B 136 7.32 -7.34 21.25
N HIS B 137 7.30 -8.27 20.31
CA HIS B 137 6.07 -8.91 19.80
C HIS B 137 5.21 -7.92 19.02
N ALA B 138 5.75 -6.76 18.69
CA ALA B 138 5.04 -5.75 17.87
C ALA B 138 4.87 -6.31 16.47
N TYR B 139 3.76 -5.95 15.87
CA TYR B 139 3.57 -6.14 14.42
C TYR B 139 2.94 -4.88 13.84
N HIS B 140 3.66 -4.25 12.91
CA HIS B 140 3.28 -2.97 12.27
C HIS B 140 2.98 -3.13 10.77
N GLY B 141 3.18 -4.31 10.16
CA GLY B 141 2.87 -4.56 8.74
C GLY B 141 3.97 -5.30 8.02
N HIS B 142 3.82 -5.48 6.71
CA HIS B 142 4.50 -6.55 5.92
C HIS B 142 5.50 -5.95 4.91
N LEU B 143 5.60 -4.62 4.85
CA LEU B 143 6.58 -3.94 3.95
C LEU B 143 7.97 -4.05 4.60
N SER B 144 9.03 -3.93 3.78
CA SER B 144 10.49 -3.94 4.14
C SER B 144 10.75 -3.15 5.40
N SER B 145 10.36 -1.89 5.39
CA SER B 145 10.63 -0.92 6.49
C SER B 145 9.96 -1.40 7.79
N LEU B 146 8.91 -2.19 7.69
CA LEU B 146 8.05 -2.54 8.85
C LEU B 146 8.50 -3.88 9.45
N ILE B 147 9.06 -4.78 8.63
CA ILE B 147 9.64 -6.07 9.08
C ILE B 147 10.69 -5.72 10.14
N GLU B 148 11.48 -4.71 9.85
CA GLU B 148 12.60 -4.23 10.70
C GLU B 148 12.09 -3.85 12.10
N ILE B 149 10.85 -3.38 12.23
CA ILE B 149 10.32 -2.87 13.53
C ILE B 149 9.20 -3.77 14.04
N SER B 150 9.12 -5.00 13.54
CA SER B 150 8.01 -5.93 13.87
C SER B 150 8.61 -7.23 14.42
N PRO B 151 9.05 -7.19 15.70
CA PRO B 151 9.70 -8.36 16.33
C PRO B 151 8.79 -9.58 16.36
N TYR B 152 7.45 -9.41 16.31
CA TYR B 152 6.54 -10.56 16.12
C TYR B 152 7.01 -11.43 14.93
N LYS B 153 7.63 -10.86 13.90
CA LYS B 153 7.98 -11.58 12.64
C LYS B 153 9.50 -11.82 12.51
N PHE B 154 10.30 -11.70 13.58
CA PHE B 154 11.78 -11.94 13.51
C PHE B 154 12.06 -13.46 13.52
N GLN B 155 12.74 -13.97 12.48
CA GLN B 155 12.95 -15.42 12.16
C GLN B 155 13.61 -16.16 13.35
N VAL B 160 18.20 -11.17 12.36
CA VAL B 160 18.48 -10.24 11.23
C VAL B 160 18.20 -8.77 11.67
N LYS B 161 18.34 -8.44 12.98
CA LYS B 161 17.87 -7.18 13.63
C LYS B 161 18.86 -6.01 13.45
N LYS B 162 18.39 -4.92 12.82
CA LYS B 162 19.19 -3.75 12.38
C LYS B 162 19.71 -2.98 13.60
N GLU B 163 20.84 -2.30 13.42
CA GLU B 163 21.48 -1.40 14.42
C GLU B 163 20.58 -0.21 14.73
N PHE B 164 19.69 0.20 13.80
CA PHE B 164 18.85 1.41 14.01
C PHE B 164 17.47 1.01 14.58
N VAL B 165 17.25 -0.24 14.99
CA VAL B 165 16.00 -0.65 15.70
C VAL B 165 16.35 -1.17 17.08
N HIS B 166 15.66 -0.66 18.10
CA HIS B 166 15.79 -1.13 19.50
C HIS B 166 14.44 -1.68 19.95
N VAL B 167 14.48 -2.81 20.63
CA VAL B 167 13.27 -3.58 21.03
C VAL B 167 13.12 -3.42 22.55
N ALA B 168 12.07 -2.76 22.99
CA ALA B 168 11.78 -2.57 24.43
C ALA B 168 10.86 -3.70 24.89
N PRO B 169 11.01 -4.17 26.15
CA PRO B 169 10.16 -5.22 26.69
C PRO B 169 8.70 -4.76 26.61
N THR B 170 7.84 -5.64 26.12
CA THR B 170 6.42 -5.33 25.95
C THR B 170 5.83 -5.19 27.34
N PRO B 171 5.04 -4.11 27.56
CA PRO B 171 4.44 -3.81 28.87
C PRO B 171 3.25 -4.70 29.20
N ASP B 172 3.54 -6.00 29.29
CA ASP B 172 2.59 -7.13 29.46
C ASP B 172 2.64 -7.56 30.94
N THR B 173 1.63 -7.19 31.74
CA THR B 173 1.69 -7.50 33.19
C THR B 173 1.23 -8.94 33.47
N TYR B 174 0.90 -9.73 32.46
CA TYR B 174 0.51 -11.15 32.65
C TYR B 174 1.71 -12.06 32.40
N ARG B 175 2.42 -11.89 31.27
CA ARG B 175 3.55 -12.80 30.93
C ARG B 175 4.83 -11.99 30.67
N GLY B 176 4.85 -10.69 30.86
CA GLY B 176 6.04 -9.91 30.54
C GLY B 176 7.04 -9.91 31.67
N LYS B 177 8.04 -9.05 31.56
CA LYS B 177 9.18 -8.98 32.51
C LYS B 177 8.68 -8.51 33.89
N TYR B 178 7.72 -7.60 33.95
CA TYR B 178 7.15 -7.04 35.20
C TYR B 178 5.67 -7.39 35.24
N ARG B 179 5.21 -8.05 36.29
CA ARG B 179 3.82 -8.56 36.30
C ARG B 179 2.99 -7.76 37.32
N GLU B 180 1.75 -8.20 37.54
CA GLU B 180 0.71 -7.45 38.28
C GLU B 180 1.16 -7.27 39.74
N ASP B 181 2.11 -8.05 40.21
CA ASP B 181 2.55 -8.02 41.63
C ASP B 181 3.62 -6.93 41.79
N HIS B 182 4.19 -6.38 40.70
CA HIS B 182 5.26 -5.35 40.72
C HIS B 182 4.70 -4.05 41.33
N ALA B 183 5.50 -3.28 42.07
CA ALA B 183 5.00 -2.05 42.74
C ALA B 183 4.55 -1.01 41.70
N ASP B 184 5.22 -0.92 40.56
CA ASP B 184 4.93 0.17 39.59
C ASP B 184 5.47 -0.24 38.23
N SER B 185 4.70 -1.10 37.55
CA SER B 185 5.14 -1.74 36.29
C SER B 185 5.20 -0.66 35.21
N ALA B 186 4.33 0.36 35.24
CA ALA B 186 4.34 1.47 34.26
C ALA B 186 5.72 2.15 34.28
N SER B 187 6.31 2.47 35.45
CA SER B 187 7.67 3.08 35.55
C SER B 187 8.75 2.06 35.17
N ALA B 188 8.62 0.82 35.63
CA ALA B 188 9.61 -0.23 35.35
C ALA B 188 9.68 -0.44 33.82
N TYR B 189 8.54 -0.48 33.13
CA TYR B 189 8.53 -0.69 31.67
C TYR B 189 9.08 0.56 30.96
N ALA B 190 8.68 1.76 31.41
CA ALA B 190 9.07 3.06 30.82
C ALA B 190 10.56 3.27 31.05
N ASP B 191 11.10 2.81 32.19
CA ASP B 191 12.56 2.89 32.50
C ASP B 191 13.37 2.05 31.50
N GLU B 192 12.79 0.98 30.95
CA GLU B 192 13.46 0.17 29.89
C GLU B 192 13.70 1.04 28.65
N VAL B 193 12.75 1.87 28.30
CA VAL B 193 12.86 2.77 27.11
C VAL B 193 13.95 3.82 27.41
N LYS B 194 13.94 4.43 28.59
CA LYS B 194 14.95 5.43 29.02
C LYS B 194 16.35 4.81 28.93
N LYS B 195 16.52 3.54 29.31
CA LYS B 195 17.84 2.88 29.23
C LYS B 195 18.26 2.70 27.76
N ILE B 196 17.32 2.35 26.88
CA ILE B 196 17.61 2.21 25.42
C ILE B 196 18.12 3.56 24.90
N ILE B 197 17.43 4.63 25.31
CA ILE B 197 17.72 6.02 24.89
C ILE B 197 19.13 6.38 25.39
N GLU B 198 19.42 6.18 26.68
CA GLU B 198 20.76 6.47 27.26
C GLU B 198 21.83 5.64 26.55
N ASP B 199 21.61 4.35 26.32
CA ASP B 199 22.63 3.49 25.66
C ASP B 199 22.86 4.01 24.23
N ALA B 200 21.82 4.35 23.49
CA ALA B 200 21.94 4.85 22.11
C ALA B 200 22.72 6.17 22.14
N HIS B 201 22.39 7.08 23.05
CA HIS B 201 23.06 8.41 23.14
C HIS B 201 24.55 8.21 23.44
N ASN B 202 24.87 7.28 24.33
CA ASN B 202 26.24 6.96 24.77
C ASN B 202 27.06 6.47 23.58
N SER B 203 26.41 5.83 22.60
CA SER B 203 27.00 5.29 21.35
C SER B 203 26.97 6.33 20.22
N GLY B 204 26.51 7.54 20.54
CA GLY B 204 26.36 8.66 19.59
C GLY B 204 25.29 8.37 18.55
N ARG B 205 24.24 7.63 18.91
CA ARG B 205 23.11 7.33 17.98
C ARG B 205 22.02 8.34 18.31
N LYS B 206 21.02 8.46 17.44
CA LYS B 206 19.89 9.36 17.71
C LYS B 206 18.56 8.65 17.45
N ILE B 207 17.57 8.98 18.26
CA ILE B 207 16.22 8.38 18.30
C ILE B 207 15.23 9.22 17.49
N ALA B 208 14.74 8.70 16.38
CA ALA B 208 13.67 9.35 15.59
C ALA B 208 12.32 9.19 16.32
N ALA B 209 12.05 7.99 16.83
CA ALA B 209 10.68 7.66 17.27
C ALA B 209 10.64 6.44 18.16
N PHE B 210 9.61 6.43 19.00
CA PHE B 210 9.09 5.24 19.70
C PHE B 210 7.74 4.94 19.04
N ILE B 211 7.53 3.71 18.58
CA ILE B 211 6.23 3.37 17.94
C ILE B 211 5.57 2.28 18.76
N ALA B 212 4.28 2.41 19.05
CA ALA B 212 3.54 1.32 19.73
C ALA B 212 2.15 1.20 19.15
N GLU B 213 1.72 -0.04 18.94
CA GLU B 213 0.28 -0.35 18.89
C GLU B 213 -0.32 0.12 20.21
N SER B 214 -1.34 0.95 20.15
CA SER B 214 -2.04 1.49 21.34
C SER B 214 -2.52 0.35 22.23
N MET B 215 -2.98 -0.75 21.64
CA MET B 215 -3.02 -2.11 22.27
C MET B 215 -2.47 -3.10 21.25
N GLN B 216 -1.66 -4.05 21.68
CA GLN B 216 -0.98 -4.98 20.74
C GLN B 216 -1.97 -6.05 20.29
N SER B 217 -2.09 -6.27 18.99
CA SER B 217 -3.01 -7.32 18.46
C SER B 217 -2.27 -8.66 18.45
N CYS B 218 -1.36 -8.87 17.51
CA CYS B 218 -0.55 -10.11 17.38
C CYS B 218 0.11 -10.48 18.70
N GLY B 219 0.56 -9.47 19.47
CA GLY B 219 1.21 -9.63 20.79
C GLY B 219 0.31 -10.26 21.83
N GLY B 220 -0.99 -10.33 21.53
CA GLY B 220 -1.98 -11.09 22.31
C GLY B 220 -2.88 -10.20 23.14
N GLN B 221 -3.34 -9.08 22.57
CA GLN B 221 -4.34 -8.17 23.22
C GLN B 221 -3.72 -7.56 24.48
N ILE B 222 -2.64 -6.83 24.28
CA ILE B 222 -1.87 -6.25 25.41
C ILE B 222 -2.30 -4.78 25.55
N ILE B 223 -2.81 -4.43 26.74
CA ILE B 223 -3.17 -3.05 27.15
C ILE B 223 -2.10 -2.58 28.10
N PRO B 224 -1.23 -1.64 27.69
CA PRO B 224 -0.17 -1.17 28.57
C PRO B 224 -0.76 -0.58 29.84
N PRO B 225 -0.03 -0.66 30.95
CA PRO B 225 -0.48 -0.03 32.19
C PRO B 225 -0.65 1.50 32.08
N ALA B 226 -1.55 2.03 32.93
CA ALA B 226 -1.82 3.48 33.06
C ALA B 226 -0.49 4.18 33.34
N GLY B 227 -0.21 5.28 32.65
CA GLY B 227 1.03 6.06 32.86
C GLY B 227 2.18 5.65 31.94
N TYR B 228 2.21 4.41 31.42
CA TYR B 228 3.38 3.89 30.65
C TYR B 228 3.65 4.75 29.40
N PHE B 229 2.67 4.99 28.56
CA PHE B 229 2.89 5.72 27.29
C PHE B 229 3.33 7.17 27.57
N GLN B 230 2.69 7.81 28.54
CA GLN B 230 2.95 9.23 28.89
C GLN B 230 4.43 9.34 29.34
N LYS B 231 4.90 8.40 30.15
CA LYS B 231 6.30 8.43 30.66
C LYS B 231 7.25 8.19 29.47
N VAL B 232 6.93 7.21 28.63
CA VAL B 232 7.73 6.91 27.40
C VAL B 232 7.80 8.15 26.51
N ALA B 233 6.68 8.82 26.27
CA ALA B 233 6.64 10.03 25.42
C ALA B 233 7.57 11.10 26.02
N GLU B 234 7.54 11.28 27.34
CA GLU B 234 8.40 12.29 28.03
C GLU B 234 9.86 11.97 27.70
N TYR B 235 10.29 10.71 27.87
CA TYR B 235 11.70 10.29 27.63
C TYR B 235 12.07 10.42 26.15
N VAL B 236 11.15 10.08 25.25
CA VAL B 236 11.44 10.15 23.79
C VAL B 236 11.54 11.64 23.42
N HIS B 237 10.63 12.47 23.92
CA HIS B 237 10.69 13.94 23.71
C HIS B 237 12.01 14.50 24.23
N GLY B 238 12.54 14.03 25.34
CA GLY B 238 13.86 14.44 25.86
C GLY B 238 14.97 14.12 24.86
N ALA B 239 14.86 13.05 24.07
CA ALA B 239 15.91 12.68 23.09
C ALA B 239 15.66 13.35 21.71
N GLY B 240 14.60 14.15 21.56
CA GLY B 240 14.25 14.80 20.29
C GLY B 240 13.47 13.86 19.37
N GLY B 241 12.97 12.78 19.94
CA GLY B 241 12.19 11.76 19.22
C GLY B 241 10.72 12.10 19.25
N VAL B 242 9.91 11.37 18.49
CA VAL B 242 8.43 11.53 18.46
C VAL B 242 7.78 10.20 18.82
N PHE B 243 6.55 10.28 19.31
CA PHE B 243 5.73 9.12 19.71
C PHE B 243 4.82 8.80 18.54
N ILE B 244 4.94 7.62 17.94
CA ILE B 244 3.96 7.10 16.93
C ILE B 244 2.99 6.13 17.61
N ALA B 245 1.70 6.46 17.62
CA ALA B 245 0.62 5.56 18.05
C ALA B 245 0.02 4.92 16.81
N ASP B 246 0.14 3.59 16.75
CA ASP B 246 -0.45 2.74 15.69
C ASP B 246 -1.85 2.34 16.15
N GLU B 247 -2.86 2.98 15.59
CA GLU B 247 -4.29 2.70 15.85
C GLU B 247 -4.87 1.88 14.69
N VAL B 248 -4.05 1.19 13.91
CA VAL B 248 -4.54 0.56 12.64
C VAL B 248 -5.61 -0.49 12.96
N GLN B 249 -5.47 -1.20 14.09
CA GLN B 249 -6.42 -2.27 14.51
C GLN B 249 -7.43 -1.78 15.56
N VAL B 250 -7.14 -0.73 16.32
CA VAL B 250 -7.86 -0.51 17.61
C VAL B 250 -8.58 0.84 17.62
N GLY B 251 -8.65 1.55 16.49
CA GLY B 251 -9.22 2.90 16.45
C GLY B 251 -10.72 2.86 16.18
N PHE B 252 -11.31 4.03 15.96
CA PHE B 252 -12.69 4.20 15.44
C PHE B 252 -13.69 3.58 16.42
N GLY B 253 -13.49 3.86 17.70
CA GLY B 253 -14.52 3.69 18.72
C GLY B 253 -14.53 2.29 19.31
N ARG B 254 -13.65 1.41 18.81
CA ARG B 254 -13.60 0.00 19.27
C ARG B 254 -13.45 -0.07 20.80
N VAL B 255 -12.73 0.86 21.44
CA VAL B 255 -12.49 0.80 22.91
C VAL B 255 -13.73 1.27 23.71
N GLY B 256 -14.77 1.76 23.05
CA GLY B 256 -16.08 2.10 23.65
C GLY B 256 -16.05 3.39 24.48
N LYS B 257 -15.05 3.54 25.34
CA LYS B 257 -14.91 4.67 26.28
C LYS B 257 -14.36 5.89 25.52
N HIS B 258 -13.68 5.68 24.38
CA HIS B 258 -13.13 6.77 23.53
C HIS B 258 -13.17 6.38 22.07
N PHE B 259 -12.91 7.37 21.22
CA PHE B 259 -12.76 7.12 19.77
C PHE B 259 -11.42 6.44 19.49
N TRP B 260 -10.35 6.90 20.12
CA TRP B 260 -8.97 6.45 19.88
C TRP B 260 -8.49 5.66 21.09
N SER B 261 -7.83 4.54 20.84
CA SER B 261 -7.37 3.65 21.93
C SER B 261 -6.42 4.44 22.83
N PHE B 262 -5.58 5.29 22.25
CA PHE B 262 -4.58 6.09 23.02
C PHE B 262 -5.30 6.99 24.05
N GLN B 263 -6.55 7.41 23.80
CA GLN B 263 -7.27 8.34 24.73
C GLN B 263 -7.65 7.62 26.02
N MET B 264 -7.54 6.29 26.08
CA MET B 264 -7.61 5.49 27.34
C MET B 264 -6.66 6.05 28.39
N TYR B 265 -5.52 6.62 27.98
CA TYR B 265 -4.46 7.08 28.92
C TYR B 265 -4.69 8.56 29.35
N GLY B 266 -5.88 9.13 29.11
CA GLY B 266 -6.24 10.46 29.61
C GLY B 266 -6.11 11.52 28.52
N GLU B 267 -6.78 12.66 28.75
CA GLU B 267 -6.92 13.77 27.77
C GLU B 267 -5.53 14.38 27.57
N ASP B 268 -4.60 14.16 28.51
CA ASP B 268 -3.26 14.76 28.46
C ASP B 268 -2.28 13.85 27.70
N PHE B 269 -2.67 12.66 27.21
CA PHE B 269 -1.73 11.84 26.41
C PHE B 269 -1.99 12.08 24.91
N VAL B 270 -1.04 12.70 24.22
CA VAL B 270 -1.19 13.10 22.79
C VAL B 270 0.01 12.58 22.03
N PRO B 271 -0.14 11.54 21.18
CA PRO B 271 0.94 11.13 20.28
C PRO B 271 1.31 12.28 19.32
N ASP B 272 2.51 12.25 18.76
CA ASP B 272 2.97 13.14 17.65
C ASP B 272 2.47 12.65 16.30
N ILE B 273 2.29 11.35 16.14
CA ILE B 273 1.82 10.77 14.85
C ILE B 273 0.84 9.67 15.20
N VAL B 274 -0.27 9.60 14.48
CA VAL B 274 -1.25 8.52 14.66
C VAL B 274 -1.48 7.87 13.31
N THR B 275 -1.40 6.55 13.24
CA THR B 275 -1.67 5.80 11.99
C THR B 275 -3.00 5.05 12.11
N MET B 276 -3.68 4.94 10.99
CA MET B 276 -4.98 4.25 10.91
C MET B 276 -5.03 3.49 9.60
N GLY B 277 -5.83 2.44 9.56
CA GLY B 277 -5.81 1.48 8.46
C GLY B 277 -7.20 1.29 7.87
N LYS B 278 -7.41 0.15 7.25
CA LYS B 278 -8.60 -0.13 6.40
C LYS B 278 -9.90 -0.17 7.22
N PRO B 279 -9.91 -0.44 8.56
CA PRO B 279 -11.14 -0.28 9.35
C PRO B 279 -11.82 1.07 9.05
N MET B 280 -11.04 2.12 8.79
CA MET B 280 -11.59 3.47 8.53
C MET B 280 -12.41 3.46 7.24
N GLY B 281 -12.13 2.54 6.31
CA GLY B 281 -12.85 2.38 5.02
C GLY B 281 -13.75 1.16 5.03
N ASN B 282 -14.00 0.58 6.22
CA ASN B 282 -14.76 -0.69 6.33
C ASN B 282 -14.17 -1.79 5.45
N GLY B 283 -12.84 -1.88 5.31
CA GLY B 283 -12.24 -2.93 4.48
C GLY B 283 -11.78 -2.43 3.12
N HIS B 284 -12.30 -1.32 2.58
CA HIS B 284 -11.74 -0.66 1.35
C HIS B 284 -10.29 -0.24 1.65
N PRO B 285 -9.40 -0.25 0.64
CA PRO B 285 -7.99 0.11 0.85
C PRO B 285 -7.87 1.62 1.03
N VAL B 286 -8.07 2.04 2.28
CA VAL B 286 -7.82 3.44 2.70
C VAL B 286 -7.20 3.42 4.08
N ALA B 287 -6.28 4.33 4.28
CA ALA B 287 -5.50 4.46 5.52
C ALA B 287 -4.99 5.89 5.57
N CYS B 288 -4.50 6.28 6.73
CA CYS B 288 -4.21 7.69 6.97
C CYS B 288 -3.13 7.79 8.04
N VAL B 289 -2.33 8.83 7.94
CA VAL B 289 -1.40 9.28 9.00
C VAL B 289 -1.81 10.70 9.39
N VAL B 290 -1.96 10.97 10.69
CA VAL B 290 -2.23 12.33 11.21
C VAL B 290 -1.05 12.76 12.07
N THR B 291 -0.55 13.98 11.85
CA THR B 291 0.61 14.50 12.59
C THR B 291 0.38 16.00 12.87
N THR B 292 1.42 16.62 13.38
CA THR B 292 1.42 18.04 13.79
C THR B 292 1.87 18.90 12.62
N LYS B 293 1.59 20.21 12.66
CA LYS B 293 2.09 21.18 11.66
C LYS B 293 3.62 21.09 11.60
N GLU B 294 4.26 21.09 12.76
CA GLU B 294 5.74 21.08 12.89
C GLU B 294 6.28 19.85 12.16
N ILE B 295 5.72 18.65 12.37
CA ILE B 295 6.31 17.46 11.70
C ILE B 295 6.04 17.54 10.19
N ALA B 296 4.84 18.00 9.79
CA ALA B 296 4.45 18.12 8.37
C ALA B 296 5.38 19.12 7.65
N GLU B 297 5.70 20.25 8.25
CA GLU B 297 6.57 21.31 7.66
C GLU B 297 7.99 20.78 7.45
N ALA B 298 8.56 20.04 8.41
CA ALA B 298 9.90 19.44 8.22
C ALA B 298 9.83 18.49 7.01
N PHE B 299 8.71 17.77 6.85
CA PHE B 299 8.54 16.77 5.77
C PHE B 299 8.49 17.51 4.42
N SER B 300 7.70 18.57 4.34
CA SER B 300 7.56 19.49 3.16
C SER B 300 8.92 19.95 2.67
N SER B 301 9.85 20.31 3.57
CA SER B 301 11.27 20.69 3.26
C SER B 301 12.05 19.46 2.76
N SER B 302 11.46 18.65 1.86
CA SER B 302 12.03 17.38 1.32
C SER B 302 11.98 16.28 2.39
N ASN B 308 1.13 15.64 -5.08
CA ASN B 308 0.85 15.06 -3.74
C ASN B 308 0.46 13.58 -3.94
N THR B 309 1.31 12.70 -3.41
CA THR B 309 1.14 11.24 -3.29
C THR B 309 0.14 10.90 -2.19
N TYR B 310 0.03 11.77 -1.17
CA TYR B 310 -0.75 11.54 0.07
C TYR B 310 -1.97 12.47 0.14
N GLY B 311 -2.35 13.08 -0.99
CA GLY B 311 -3.52 14.01 -1.07
C GLY B 311 -4.86 13.31 -0.83
N GLY B 312 -4.96 12.02 -1.14
CA GLY B 312 -6.18 11.25 -0.91
C GLY B 312 -6.98 11.05 -2.19
N ASN B 313 -8.00 10.20 -2.11
CA ASN B 313 -8.78 9.71 -3.28
C ASN B 313 -10.25 10.00 -3.00
N PRO B 314 -11.02 10.58 -3.96
CA PRO B 314 -12.41 10.98 -3.71
C PRO B 314 -13.27 9.81 -3.24
N VAL B 315 -13.11 8.64 -3.86
CA VAL B 315 -13.95 7.46 -3.53
C VAL B 315 -13.57 7.01 -2.11
N SER B 316 -12.28 6.93 -1.79
CA SER B 316 -11.79 6.51 -0.44
C SER B 316 -12.36 7.47 0.61
N CYS B 317 -12.41 8.77 0.35
CA CYS B 317 -12.90 9.75 1.34
C CYS B 317 -14.42 9.70 1.46
N ALA B 318 -15.15 9.43 0.37
CA ALA B 318 -16.61 9.22 0.42
C ALA B 318 -16.90 8.01 1.33
N VAL B 319 -16.17 6.91 1.12
CA VAL B 319 -16.29 5.69 1.96
C VAL B 319 -15.94 6.03 3.43
N GLY B 320 -14.82 6.72 3.67
CA GLY B 320 -14.40 7.16 5.01
C GLY B 320 -15.46 8.00 5.73
N LEU B 321 -16.07 8.96 5.03
CA LEU B 321 -17.12 9.84 5.61
C LEU B 321 -18.37 8.99 5.96
N ALA B 322 -18.76 8.05 5.10
CA ALA B 322 -19.90 7.16 5.35
C ALA B 322 -19.60 6.33 6.60
N VAL B 323 -18.36 5.84 6.75
CA VAL B 323 -17.95 5.12 7.98
C VAL B 323 -18.11 6.03 9.21
N LEU B 324 -17.54 7.23 9.21
CA LEU B 324 -17.69 8.15 10.37
C LEU B 324 -19.20 8.41 10.62
N ASP B 325 -19.99 8.61 9.56
CA ASP B 325 -21.43 8.92 9.78
C ASP B 325 -22.10 7.72 10.45
N ILE B 326 -21.83 6.51 9.98
CA ILE B 326 -22.44 5.27 10.52
C ILE B 326 -22.01 5.11 11.99
N ILE B 327 -20.72 5.24 12.31
CA ILE B 327 -20.26 5.07 13.72
C ILE B 327 -21.11 6.03 14.58
N GLU B 328 -21.27 7.27 14.11
CA GLU B 328 -22.07 8.33 14.80
C GLU B 328 -23.55 7.93 14.83
N ASN B 329 -24.15 7.62 13.68
CA ASN B 329 -25.64 7.46 13.60
C ASN B 329 -26.08 6.18 14.30
N GLU B 330 -25.25 5.14 14.35
CA GLU B 330 -25.64 3.82 14.90
C GLU B 330 -25.09 3.64 16.31
N ASP B 331 -24.51 4.67 16.92
CA ASP B 331 -23.91 4.63 18.28
C ASP B 331 -22.99 3.39 18.42
N LEU B 332 -22.12 3.16 17.43
CA LEU B 332 -21.28 1.92 17.42
C LEU B 332 -20.26 1.98 18.56
N GLN B 333 -19.75 3.15 18.91
CA GLN B 333 -18.79 3.32 20.02
C GLN B 333 -19.50 2.94 21.32
N GLY B 334 -20.75 3.40 21.50
CA GLY B 334 -21.61 3.01 22.62
C GLY B 334 -21.93 1.53 22.60
N ASN B 335 -22.19 0.97 21.43
CA ASN B 335 -22.45 -0.48 21.34
C ASN B 335 -21.19 -1.23 21.83
N ALA B 336 -20.02 -0.83 21.39
CA ALA B 336 -18.76 -1.51 21.73
C ALA B 336 -18.55 -1.43 23.25
N LYS B 337 -18.83 -0.28 23.86
CA LYS B 337 -18.73 -0.12 25.32
C LYS B 337 -19.69 -1.08 26.05
N ARG B 338 -20.98 -1.09 25.69
CA ARG B 338 -22.01 -1.88 26.39
C ARG B 338 -21.77 -3.38 26.14
N VAL B 339 -21.66 -3.80 24.89
CA VAL B 339 -21.49 -5.25 24.56
C VAL B 339 -20.14 -5.73 25.14
N GLY B 340 -19.11 -4.90 25.08
CA GLY B 340 -17.77 -5.17 25.65
C GLY B 340 -17.86 -5.45 27.15
N ASN B 341 -18.60 -4.61 27.89
CA ASN B 341 -18.76 -4.74 29.35
C ASN B 341 -19.52 -6.05 29.65
N TYR B 342 -20.54 -6.35 28.86
CA TYR B 342 -21.33 -7.60 28.99
C TYR B 342 -20.43 -8.81 28.73
N LEU B 343 -19.66 -8.77 27.63
CA LEU B 343 -18.69 -9.83 27.30
C LEU B 343 -17.71 -10.02 28.46
N THR B 344 -17.12 -8.95 28.96
CA THR B 344 -16.15 -8.97 30.08
C THR B 344 -16.77 -9.67 31.30
N GLU B 345 -18.02 -9.34 31.63
CA GLU B 345 -18.71 -9.98 32.79
C GLU B 345 -18.91 -11.47 32.51
N LEU B 346 -19.41 -11.85 31.34
CA LEU B 346 -19.60 -13.28 31.01
C LEU B 346 -18.26 -14.01 31.17
N LEU B 347 -17.18 -13.41 30.66
CA LEU B 347 -15.86 -14.08 30.60
C LEU B 347 -15.26 -14.15 32.00
N LYS B 348 -15.49 -13.18 32.87
CA LYS B 348 -15.08 -13.28 34.29
C LYS B 348 -15.74 -14.53 34.94
N LYS B 349 -17.02 -14.79 34.64
CA LYS B 349 -17.70 -16.00 35.19
C LYS B 349 -17.11 -17.26 34.54
N GLN B 350 -16.73 -17.21 33.28
CA GLN B 350 -16.07 -18.37 32.62
C GLN B 350 -14.73 -18.66 33.31
N LYS B 351 -14.00 -17.62 33.69
CA LYS B 351 -12.66 -17.76 34.32
C LYS B 351 -12.80 -18.48 35.66
N ALA B 352 -13.82 -18.09 36.42
CA ALA B 352 -14.16 -18.65 37.75
C ALA B 352 -14.37 -20.16 37.66
N LYS B 353 -14.87 -20.72 36.58
CA LYS B 353 -15.10 -22.18 36.57
C LYS B 353 -14.22 -22.93 35.55
N HIS B 354 -13.34 -22.23 34.84
CA HIS B 354 -12.44 -22.86 33.85
C HIS B 354 -10.99 -22.47 34.10
N THR B 355 -10.21 -23.43 34.58
CA THR B 355 -8.79 -23.29 34.95
C THR B 355 -7.95 -23.01 33.70
N LEU B 356 -8.40 -23.38 32.51
CA LEU B 356 -7.64 -23.10 31.24
C LEU B 356 -7.55 -21.59 31.05
N ILE B 357 -8.48 -20.81 31.62
CA ILE B 357 -8.48 -19.34 31.44
C ILE B 357 -7.49 -18.76 32.43
N GLY B 358 -6.40 -18.21 31.91
CA GLY B 358 -5.37 -17.52 32.70
C GLY B 358 -5.71 -16.07 32.91
N ASP B 359 -6.26 -15.38 31.92
CA ASP B 359 -6.40 -13.90 31.95
C ASP B 359 -7.42 -13.53 30.90
N ILE B 360 -8.35 -12.68 31.29
CA ILE B 360 -9.31 -11.96 30.43
C ILE B 360 -8.83 -10.52 30.38
N ARG B 361 -8.49 -10.02 29.21
CA ARG B 361 -8.04 -8.61 29.11
C ARG B 361 -8.70 -7.97 27.89
N GLY B 362 -8.72 -6.66 27.90
CA GLY B 362 -9.34 -5.92 26.81
C GLY B 362 -10.35 -4.91 27.31
N ILE B 363 -11.01 -4.29 26.35
CA ILE B 363 -11.88 -3.12 26.57
C ILE B 363 -12.69 -2.97 25.31
N GLY B 364 -13.96 -2.57 25.46
CA GLY B 364 -14.90 -2.52 24.34
C GLY B 364 -14.90 -3.83 23.58
N LEU B 365 -14.81 -3.78 22.24
CA LEU B 365 -14.79 -4.99 21.38
C LEU B 365 -13.34 -5.27 20.94
N PHE B 366 -12.41 -5.18 21.88
CA PHE B 366 -11.03 -5.66 21.75
C PHE B 366 -10.70 -6.55 22.97
N ILE B 367 -10.86 -7.85 22.84
CA ILE B 367 -10.76 -8.75 24.02
C ILE B 367 -9.80 -9.89 23.70
N GLY B 368 -8.99 -10.26 24.70
CA GLY B 368 -8.15 -11.46 24.65
C GLY B 368 -8.49 -12.40 25.79
N ILE B 369 -8.52 -13.70 25.51
CA ILE B 369 -8.69 -14.78 26.52
C ILE B 369 -7.41 -15.61 26.47
N ASP B 370 -6.54 -15.37 27.44
CA ASP B 370 -5.17 -15.95 27.52
C ASP B 370 -5.30 -17.35 28.17
N LEU B 371 -5.09 -18.39 27.39
CA LEU B 371 -5.28 -19.79 27.84
C LEU B 371 -3.95 -20.35 28.31
N VAL B 372 -3.97 -20.99 29.49
CA VAL B 372 -2.75 -21.47 30.18
C VAL B 372 -2.94 -22.92 30.60
N LYS B 373 -1.84 -23.68 30.61
CA LYS B 373 -1.81 -25.09 31.05
C LYS B 373 -1.78 -25.16 32.58
N ASP B 374 -1.29 -24.11 33.25
CA ASP B 374 -1.08 -24.05 34.72
C ASP B 374 -0.92 -22.58 35.14
N HIS B 375 -1.35 -22.24 36.33
CA HIS B 375 -1.32 -20.86 36.85
C HIS B 375 0.02 -20.54 37.48
N LEU B 376 0.76 -21.53 38.00
CA LEU B 376 2.07 -21.24 38.62
C LEU B 376 2.95 -20.53 37.58
N LYS B 377 3.06 -21.09 36.37
CA LYS B 377 4.02 -20.59 35.36
C LYS B 377 3.30 -19.87 34.21
N ARG B 378 1.98 -19.96 34.16
CA ARG B 378 1.18 -19.31 33.09
C ARG B 378 1.63 -19.88 31.72
N THR B 379 1.97 -21.16 31.67
CA THR B 379 2.44 -21.86 30.43
C THR B 379 1.35 -21.73 29.37
N PRO B 380 1.64 -21.08 28.23
CA PRO B 380 0.66 -20.96 27.15
C PRO B 380 0.04 -22.30 26.74
N ALA B 381 -1.29 -22.36 26.65
CA ALA B 381 -2.03 -23.55 26.21
C ALA B 381 -2.26 -23.46 24.70
N THR B 382 -1.18 -23.52 23.94
CA THR B 382 -1.16 -23.36 22.47
C THR B 382 -2.04 -24.43 21.81
N ALA B 383 -1.78 -25.71 22.10
CA ALA B 383 -2.49 -26.85 21.46
C ALA B 383 -3.97 -26.78 21.86
N GLU B 384 -4.27 -26.39 23.10
CA GLU B 384 -5.67 -26.28 23.56
C GLU B 384 -6.40 -25.14 22.83
N ALA B 385 -5.73 -24.00 22.61
CA ALA B 385 -6.29 -22.85 21.87
C ALA B 385 -6.67 -23.29 20.45
N GLN B 386 -5.78 -24.04 19.78
CA GLN B 386 -6.00 -24.45 18.37
C GLN B 386 -7.27 -25.32 18.34
N HIS B 387 -7.35 -26.27 19.26
CA HIS B 387 -8.53 -27.17 19.44
C HIS B 387 -9.81 -26.34 19.65
N ILE B 388 -9.76 -25.38 20.58
CA ILE B 388 -10.94 -24.54 20.89
C ILE B 388 -11.37 -23.79 19.62
N ILE B 389 -10.46 -23.22 18.85
CA ILE B 389 -10.83 -22.52 17.59
C ILE B 389 -11.54 -23.50 16.64
N TYR B 390 -11.03 -24.72 16.51
CA TYR B 390 -11.61 -25.75 15.62
C TYR B 390 -13.03 -26.08 16.08
N LYS B 391 -13.23 -26.32 17.40
CA LYS B 391 -14.54 -26.65 17.99
C LYS B 391 -15.51 -25.46 17.87
N MET B 392 -15.05 -24.24 18.09
CA MET B 392 -15.91 -23.03 17.96
C MET B 392 -16.39 -22.88 16.50
N LYS B 393 -15.49 -23.12 15.54
CA LYS B 393 -15.81 -23.08 14.09
C LYS B 393 -16.87 -24.15 13.75
N GLU B 394 -16.79 -25.35 14.33
CA GLU B 394 -17.86 -26.38 14.18
C GLU B 394 -19.22 -25.84 14.69
N LYS B 395 -19.24 -24.99 15.71
CA LYS B 395 -20.49 -24.34 16.18
C LYS B 395 -20.69 -23.00 15.47
N ARG B 396 -20.00 -22.75 14.36
CA ARG B 396 -20.17 -21.56 13.46
C ARG B 396 -19.85 -20.28 14.23
N VAL B 397 -18.87 -20.32 15.12
CA VAL B 397 -18.22 -19.10 15.64
C VAL B 397 -16.79 -19.01 15.09
N LEU B 398 -16.49 -17.91 14.40
CA LEU B 398 -15.16 -17.72 13.80
C LEU B 398 -14.32 -16.88 14.75
N LEU B 399 -13.29 -17.47 15.38
CA LEU B 399 -12.24 -16.65 16.06
C LEU B 399 -10.85 -17.15 15.69
N SER B 400 -9.85 -16.52 16.27
CA SER B 400 -8.42 -16.81 16.04
C SER B 400 -7.68 -16.71 17.36
N ALA B 401 -6.42 -17.13 17.34
CA ALA B 401 -5.51 -17.16 18.50
C ALA B 401 -4.26 -16.36 18.13
N ASP B 402 -3.86 -15.40 18.96
CA ASP B 402 -2.57 -14.69 18.74
C ASP B 402 -1.80 -14.73 20.05
N GLY B 403 -0.94 -13.74 20.23
CA GLY B 403 0.15 -13.78 21.19
C GLY B 403 1.31 -14.54 20.55
N PRO B 404 2.53 -14.33 21.05
CA PRO B 404 3.69 -15.01 20.48
C PRO B 404 3.54 -16.54 20.63
N HIS B 405 2.74 -17.02 21.59
CA HIS B 405 2.55 -18.49 21.77
C HIS B 405 1.23 -18.97 21.19
N ARG B 406 0.48 -18.12 20.48
CA ARG B 406 -0.76 -18.50 19.77
C ARG B 406 -1.74 -19.12 20.75
N ASN B 407 -1.83 -18.61 21.96
CA ASN B 407 -2.70 -19.20 23.01
C ASN B 407 -3.76 -18.22 23.45
N VAL B 408 -3.80 -17.03 22.87
CA VAL B 408 -4.73 -15.97 23.31
C VAL B 408 -5.88 -15.88 22.31
N LEU B 409 -7.05 -16.36 22.70
CA LEU B 409 -8.28 -16.24 21.89
C LEU B 409 -8.57 -14.75 21.75
N LYS B 410 -8.80 -14.32 20.52
CA LYS B 410 -9.02 -12.91 20.16
C LYS B 410 -10.50 -12.71 19.82
N ILE B 411 -11.11 -11.70 20.43
CA ILE B 411 -12.48 -11.22 20.08
C ILE B 411 -12.42 -9.77 19.63
N LYS B 412 -12.60 -9.55 18.33
CA LYS B 412 -12.60 -8.21 17.68
C LYS B 412 -13.55 -8.24 16.48
N PRO B 413 -14.86 -8.35 16.76
CA PRO B 413 -15.87 -8.40 15.70
C PRO B 413 -16.15 -7.07 15.06
N PRO B 414 -16.84 -7.07 13.91
CA PRO B 414 -17.57 -5.89 13.45
C PRO B 414 -18.35 -5.28 14.61
N MET B 415 -18.45 -3.95 14.60
CA MET B 415 -18.88 -3.19 15.81
C MET B 415 -20.38 -3.35 16.09
N CYS B 416 -21.16 -3.98 15.22
CA CYS B 416 -22.63 -4.17 15.40
C CYS B 416 -22.90 -5.50 16.13
N PHE B 417 -21.86 -6.24 16.50
CA PHE B 417 -21.93 -7.40 17.43
C PHE B 417 -22.87 -7.07 18.60
N THR B 418 -23.75 -8.00 18.95
CA THR B 418 -24.83 -7.81 19.95
C THR B 418 -24.54 -8.58 21.24
N GLU B 419 -25.28 -8.28 22.29
CA GLU B 419 -25.26 -9.06 23.53
C GLU B 419 -25.70 -10.48 23.25
N GLU B 420 -26.65 -10.68 22.35
CA GLU B 420 -27.10 -12.03 21.94
C GLU B 420 -25.92 -12.81 21.34
N ASP B 421 -25.14 -12.15 20.47
CA ASP B 421 -23.98 -12.78 19.80
C ASP B 421 -22.98 -13.12 20.90
N ALA B 422 -22.75 -12.22 21.84
CA ALA B 422 -21.78 -12.41 22.95
C ALA B 422 -22.16 -13.64 23.79
N LYS B 423 -23.42 -13.72 24.20
CA LYS B 423 -23.99 -14.85 24.98
C LYS B 423 -23.82 -16.15 24.20
N PHE B 424 -24.19 -16.16 22.93
CA PHE B 424 -24.07 -17.35 22.08
C PHE B 424 -22.59 -17.81 22.06
N MET B 425 -21.68 -16.91 21.72
CA MET B 425 -20.23 -17.24 21.62
C MET B 425 -19.76 -17.85 22.93
N VAL B 426 -20.05 -17.17 24.05
CA VAL B 426 -19.59 -17.61 25.40
C VAL B 426 -20.26 -18.94 25.79
N ASP B 427 -21.54 -19.13 25.47
CA ASP B 427 -22.21 -20.43 25.69
C ASP B 427 -21.48 -21.53 24.94
N GLN B 428 -21.13 -21.31 23.68
CA GLN B 428 -20.42 -22.36 22.90
C GLN B 428 -19.02 -22.60 23.52
N LEU B 429 -18.32 -21.55 23.95
CA LEU B 429 -16.98 -21.66 24.57
C LEU B 429 -17.04 -22.45 25.87
N ASP B 430 -18.02 -22.13 26.74
CA ASP B 430 -18.22 -22.80 28.05
C ASP B 430 -18.30 -24.31 27.82
N ARG B 431 -19.19 -24.71 26.91
CA ARG B 431 -19.43 -26.13 26.58
C ARG B 431 -18.11 -26.76 26.17
N ILE B 432 -17.41 -26.11 25.24
CA ILE B 432 -16.15 -26.65 24.68
C ILE B 432 -15.09 -26.76 25.78
N LEU B 433 -14.98 -25.76 26.65
CA LEU B 433 -13.98 -25.74 27.73
C LEU B 433 -14.29 -26.88 28.72
N THR B 434 -15.58 -27.12 28.98
CA THR B 434 -16.05 -28.12 29.97
C THR B 434 -15.65 -29.50 29.46
N VAL B 435 -15.95 -29.79 28.21
CA VAL B 435 -15.60 -31.10 27.58
C VAL B 435 -14.08 -31.24 27.57
N LEU B 436 -13.35 -30.20 27.20
CA LEU B 436 -11.87 -30.26 27.06
C LEU B 436 -11.26 -30.49 28.45
N GLU B 437 -11.66 -29.72 29.46
CA GLU B 437 -11.05 -29.85 30.81
C GLU B 437 -11.47 -31.20 31.41
N GLU B 438 -12.67 -31.71 31.13
CA GLU B 438 -13.04 -33.05 31.65
C GLU B 438 -12.12 -34.08 30.97
N ALA B 439 -11.88 -34.01 29.67
CA ALA B 439 -10.96 -34.96 28.98
C ALA B 439 -9.54 -34.87 29.58
N MET B 440 -9.01 -33.67 29.79
CA MET B 440 -7.61 -33.48 30.27
C MET B 440 -7.51 -34.03 31.68
N GLY B 441 -8.58 -33.96 32.46
CA GLY B 441 -8.63 -34.29 33.89
C GLY B 441 -8.98 -35.75 34.15
N THR B 442 -8.96 -36.57 33.07
CA THR B 442 -9.35 -38.01 33.06
C THR B 442 -8.07 -38.84 33.02
N LYS B 443 -7.74 -39.47 34.17
CA LYS B 443 -6.97 -40.74 34.30
C LYS B 443 -7.02 -41.53 32.98
#